data_3WNL
#
_entry.id   3WNL
#
_cell.length_a   172.107
_cell.length_b   172.107
_cell.length_c   60.926
_cell.angle_alpha   90.00
_cell.angle_beta   90.00
_cell.angle_gamma   90.00
#
_symmetry.space_group_name_H-M   'P 41 21 2'
#
loop_
_entity.id
_entity.type
_entity.pdbx_description
1 polymer 'Cycloisomaltooligosaccharide glucanotransferase'
2 branched alpha-D-glucopyranose-(1-6)-alpha-D-glucopyranose-(1-6)-alpha-D-glucopyranose-(1-6)-beta-D-glucopyranose
3 branched alpha-D-glucopyranose-(1-6)-alpha-D-glucopyranose-(1-6)-alpha-D-glucopyranose-(1-6)-alpha-D-glucopyranose
4 non-polymer 'CALCIUM ION'
5 non-polymer 'SODIUM ION'
6 non-polymer 'SULFATE ION'
7 non-polymer '2-(N-MORPHOLINO)-ETHANESULFONIC ACID'
8 water water
#
_entity_poly.entity_id   1
_entity_poly.type   'polypeptide(L)'
_entity_poly.pdbx_seq_one_letter_code
;MGSGSGGIERVFTDKARYNPGDAVSIRVQAKNGTGSSWSGAARLEIFHLENSVYTSSQSLSLTNGQSTTLTFTWTAPSTD
FRGYFVRIDAGTLGQGATAIDVSSDFTKYPRYGYISEFESGETALESKAKVDQLAQDYHINAWQFYDWMWRHDKMIKRTG
GSIDSTWLDLFNREISWSTLQNQIDAVHDVNGKAMAYAMIYASRENYSPLGISPTWGIYEDSSHTNQFDVDFGDGSTYLY
MFDPQNPNWQNYIHAEYIDSINTAGFDGIHVAQMGQRSNVYDYNGNSIDLSTRFSPFLDQAKSVLSANNPARDNLTYNIV
DGTVNGWAVNDVSKNADLDFLYSEIWYLSDSYNQLKNYIEQLRANGGNKAVVLAAYMNYADNAGTRYEAESASMTNVSTN
TNHAGYTGSGFVDQFASTGDKVSFAINAPEAGDYSLVFRYGNNTGANSTLNLYVDGNFVQKLYFFNQSSWGTWKHDAWYQ
VPLTQGAHTVELRYESGNVGAVNLDSLTLGTFDEHSVRLADAMMSASGATHIELGDDNQMLPHEYYPNRSKTMRSSLKNA
MKDHYNFITAYENLLFDSDVVPNDTGSQFVNLTGVSASGDGSANTVWYINKRTSDYNIVHLINLLGNDNQWRNTASQPSF
QTNLPAKIYIGADETISDVYLASPDLSGGETQELAFTSGTDAGGKYVSFTVPELKYWNMIYMLEHHHHHH
;
_entity_poly.pdbx_strand_id   A
#
loop_
_chem_comp.id
_chem_comp.type
_chem_comp.name
_chem_comp.formula
BGC D-saccharide, beta linking beta-D-glucopyranose 'C6 H12 O6'
CA non-polymer 'CALCIUM ION' 'Ca 2'
GLC D-saccharide, alpha linking alpha-D-glucopyranose 'C6 H12 O6'
MES non-polymer '2-(N-MORPHOLINO)-ETHANESULFONIC ACID' 'C6 H13 N O4 S'
NA non-polymer 'SODIUM ION' 'Na 1'
SO4 non-polymer 'SULFATE ION' 'O4 S -2'
#
# COMPACT_ATOMS: atom_id res chain seq x y z
N SER A 5 9.25 -10.61 -28.33
CA SER A 5 9.62 -10.57 -26.88
C SER A 5 8.57 -11.29 -26.03
N GLY A 6 8.71 -11.23 -24.70
CA GLY A 6 7.86 -11.96 -23.76
C GLY A 6 8.57 -13.21 -23.26
N GLY A 7 8.24 -14.35 -23.84
CA GLY A 7 8.71 -15.64 -23.36
C GLY A 7 7.64 -16.12 -22.41
N ILE A 8 7.97 -16.15 -21.12
CA ILE A 8 6.99 -16.46 -20.08
C ILE A 8 6.47 -15.12 -19.62
N GLU A 9 5.22 -14.82 -20.00
CA GLU A 9 4.66 -13.48 -19.82
C GLU A 9 4.05 -13.27 -18.43
N ARG A 10 3.20 -14.19 -18.00
CA ARG A 10 2.64 -14.21 -16.66
C ARG A 10 2.71 -15.62 -16.02
N VAL A 11 2.96 -15.65 -14.70
CA VAL A 11 2.72 -16.84 -13.88
C VAL A 11 1.86 -16.47 -12.66
N PHE A 12 0.75 -17.17 -12.46
CA PHE A 12 -0.15 -16.86 -11.35
C PHE A 12 -1.11 -17.99 -11.02
N THR A 13 -1.83 -17.85 -9.91
CA THR A 13 -2.77 -18.86 -9.48
C THR A 13 -4.18 -18.29 -9.46
N ASP A 14 -5.17 -19.18 -9.52
CA ASP A 14 -6.58 -18.78 -9.69
C ASP A 14 -7.08 -17.94 -8.49
N LYS A 15 -6.46 -18.16 -7.31
CA LYS A 15 -6.84 -17.58 -6.02
C LYS A 15 -5.66 -17.03 -5.19
N ALA A 16 -5.96 -16.18 -4.21
CA ALA A 16 -4.91 -15.42 -3.53
C ALA A 16 -4.37 -16.07 -2.28
N ARG A 17 -5.06 -17.07 -1.79
CA ARG A 17 -4.67 -17.81 -0.62
C ARG A 17 -5.42 -19.16 -0.74
N TYR A 18 -4.92 -20.26 -0.15
CA TYR A 18 -5.66 -21.54 -0.26
C TYR A 18 -5.74 -22.14 1.12
N ASN A 19 -6.75 -22.95 1.38
CA ASN A 19 -6.73 -23.79 2.58
C ASN A 19 -5.92 -25.08 2.37
N PRO A 20 -5.55 -25.76 3.46
CA PRO A 20 -4.87 -27.04 3.30
C PRO A 20 -5.81 -28.03 2.66
N GLY A 21 -5.36 -28.62 1.56
CA GLY A 21 -6.15 -29.61 0.83
C GLY A 21 -6.73 -29.08 -0.46
N ASP A 22 -6.74 -27.76 -0.65
CA ASP A 22 -7.45 -27.17 -1.81
C ASP A 22 -6.65 -27.51 -3.06
N ALA A 23 -7.32 -27.73 -4.18
CA ALA A 23 -6.60 -27.93 -5.42
C ALA A 23 -6.14 -26.57 -5.83
N VAL A 24 -4.88 -26.44 -6.22
CA VAL A 24 -4.32 -25.14 -6.58
C VAL A 24 -3.94 -25.25 -8.03
N SER A 25 -4.33 -24.25 -8.82
CA SER A 25 -4.21 -24.37 -10.25
C SER A 25 -3.32 -23.24 -10.75
N ILE A 26 -2.09 -23.63 -11.10
CA ILE A 26 -1.06 -22.71 -11.54
C ILE A 26 -1.08 -22.56 -13.03
N ARG A 27 -1.24 -21.31 -13.44
CA ARG A 27 -1.37 -20.95 -14.82
C ARG A 27 -0.11 -20.30 -15.17
N VAL A 28 0.27 -20.51 -16.43
CA VAL A 28 1.50 -20.05 -17.02
C VAL A 28 1.17 -19.59 -18.41
N GLN A 29 1.47 -18.33 -18.68
CA GLN A 29 1.10 -17.76 -19.95
C GLN A 29 2.36 -17.48 -20.75
N ALA A 30 2.49 -18.16 -21.89
CA ALA A 30 3.72 -18.17 -22.67
C ALA A 30 3.46 -17.71 -24.08
N LYS A 31 4.49 -17.11 -24.69
CA LYS A 31 4.44 -16.63 -26.07
C LYS A 31 5.83 -16.71 -26.76
N ASN A 32 5.92 -17.45 -27.89
CA ASN A 32 7.16 -17.51 -28.72
C ASN A 32 7.39 -16.23 -29.54
N GLY A 33 8.46 -15.49 -29.19
CA GLY A 33 8.79 -14.22 -29.86
C GLY A 33 9.97 -14.29 -30.80
N THR A 34 10.75 -15.37 -30.67
CA THR A 34 11.97 -15.56 -31.44
C THR A 34 11.77 -15.85 -32.94
N GLY A 35 10.68 -15.38 -33.53
CA GLY A 35 10.49 -15.52 -34.96
C GLY A 35 10.77 -16.93 -35.46
N SER A 36 10.40 -17.96 -34.67
CA SER A 36 10.62 -19.36 -35.08
C SER A 36 9.65 -20.28 -34.36
N SER A 37 9.55 -21.52 -34.85
CA SER A 37 8.90 -22.56 -34.09
C SER A 37 9.77 -22.89 -32.87
N TRP A 38 9.11 -23.41 -31.84
CA TRP A 38 9.79 -23.80 -30.62
C TRP A 38 9.12 -25.04 -30.11
N SER A 39 9.95 -25.99 -29.71
CA SER A 39 9.49 -27.18 -29.00
C SER A 39 10.47 -27.49 -27.88
N GLY A 40 9.92 -27.73 -26.70
CA GLY A 40 10.72 -28.10 -25.53
C GLY A 40 9.77 -28.40 -24.39
N ALA A 41 10.18 -28.07 -23.17
CA ALA A 41 9.28 -28.25 -22.01
C ALA A 41 9.25 -27.01 -21.11
N ALA A 42 8.20 -26.94 -20.29
CA ALA A 42 8.15 -26.01 -19.16
C ALA A 42 8.08 -26.81 -17.92
N ARG A 43 9.04 -26.57 -17.05
CA ARG A 43 9.23 -27.32 -15.83
C ARG A 43 8.80 -26.52 -14.62
N LEU A 44 7.89 -27.08 -13.84
CA LEU A 44 7.42 -26.45 -12.58
C LEU A 44 8.13 -26.98 -11.37
N GLU A 45 8.84 -26.13 -10.64
CA GLU A 45 9.32 -26.47 -9.28
C GLU A 45 8.79 -25.47 -8.21
N ILE A 46 8.30 -26.05 -7.11
CA ILE A 46 7.77 -25.34 -5.96
C ILE A 46 8.59 -25.69 -4.72
N PHE A 47 9.05 -24.67 -4.01
CA PHE A 47 9.87 -24.82 -2.80
C PHE A 47 9.13 -24.24 -1.61
N HIS A 48 9.26 -24.89 -0.45
CA HIS A 48 9.05 -24.27 0.87
C HIS A 48 10.39 -23.90 1.46
N LEU A 49 10.80 -22.64 1.23
CA LEU A 49 12.07 -22.09 1.66
C LEU A 49 13.17 -22.74 0.86
N GLU A 50 14.18 -23.29 1.51
CA GLU A 50 15.24 -24.06 0.85
C GLU A 50 14.80 -25.43 0.30
N ASN A 51 13.67 -26.00 0.71
CA ASN A 51 13.32 -27.39 0.34
C ASN A 51 12.34 -27.65 -0.82
N SER A 52 12.79 -28.17 -1.98
CA SER A 52 11.84 -28.51 -3.10
C SER A 52 10.73 -29.46 -2.64
N VAL A 53 9.46 -29.16 -2.94
CA VAL A 53 8.37 -30.06 -2.51
C VAL A 53 7.43 -30.55 -3.65
N TYR A 54 7.62 -30.05 -4.86
CA TYR A 54 6.87 -30.57 -6.00
C TYR A 54 7.62 -30.21 -7.23
N THR A 55 7.56 -31.11 -8.21
CA THR A 55 8.19 -30.87 -9.51
C THR A 55 7.40 -31.57 -10.61
N SER A 56 7.32 -30.97 -11.79
CA SER A 56 6.47 -31.51 -12.85
C SER A 56 6.77 -30.86 -14.18
N SER A 57 6.38 -31.51 -15.27
CA SER A 57 6.78 -31.02 -16.57
C SER A 57 5.67 -31.18 -17.57
N GLN A 58 5.68 -30.32 -18.56
CA GLN A 58 4.73 -30.42 -19.66
C GLN A 58 5.45 -30.04 -20.93
N SER A 59 5.10 -30.73 -22.01
CA SER A 59 5.73 -30.44 -23.29
C SER A 59 5.04 -29.22 -23.84
N LEU A 60 5.79 -28.42 -24.56
CA LEU A 60 5.27 -27.21 -25.12
C LEU A 60 5.83 -26.95 -26.51
N SER A 61 4.93 -27.01 -27.50
CA SER A 61 5.26 -26.58 -28.86
C SER A 61 4.42 -25.36 -29.30
N LEU A 62 5.11 -24.38 -29.85
CA LEU A 62 4.48 -23.15 -30.29
C LEU A 62 5.10 -22.65 -31.57
N THR A 63 4.28 -22.28 -32.55
CA THR A 63 4.85 -21.72 -33.78
C THR A 63 5.56 -20.38 -33.49
N ASN A 64 6.08 -19.77 -34.52
CA ASN A 64 6.49 -18.39 -34.44
C ASN A 64 5.27 -17.57 -34.07
N GLY A 65 5.41 -16.78 -33.02
CA GLY A 65 4.42 -15.79 -32.65
C GLY A 65 3.22 -16.32 -31.90
N GLN A 66 3.20 -17.61 -31.58
CA GLN A 66 2.01 -18.22 -30.98
C GLN A 66 2.04 -18.13 -29.44
N SER A 67 0.87 -17.89 -28.86
CA SER A 67 0.69 -17.76 -27.44
C SER A 67 -0.10 -18.92 -26.94
N THR A 68 0.08 -19.26 -25.66
CA THR A 68 -0.75 -20.27 -25.03
C THR A 68 -0.73 -20.13 -23.49
N THR A 69 -1.59 -20.91 -22.85
CA THR A 69 -1.64 -20.93 -21.39
C THR A 69 -1.69 -22.36 -20.85
N LEU A 70 -0.60 -22.73 -20.16
CA LEU A 70 -0.52 -24.03 -19.49
C LEU A 70 -1.14 -24.01 -18.13
N THR A 71 -1.63 -25.17 -17.74
CA THR A 71 -2.09 -25.36 -16.36
C THR A 71 -1.44 -26.57 -15.68
N PHE A 72 -0.90 -26.27 -14.52
CA PHE A 72 -0.30 -27.23 -13.67
C PHE A 72 -1.15 -27.37 -12.44
N THR A 73 -1.65 -28.55 -12.15
CA THR A 73 -2.30 -28.74 -10.87
C THR A 73 -1.39 -29.26 -9.74
N TRP A 74 -1.64 -28.72 -8.53
CA TRP A 74 -0.95 -29.05 -7.26
C TRP A 74 -2.00 -29.16 -6.15
N THR A 75 -1.71 -29.89 -5.08
CA THR A 75 -2.60 -29.92 -3.92
C THR A 75 -1.88 -29.25 -2.76
N ALA A 76 -2.56 -28.40 -2.02
CA ALA A 76 -1.90 -27.70 -0.93
C ALA A 76 -1.64 -28.66 0.22
N PRO A 77 -0.36 -28.83 0.57
CA PRO A 77 0.05 -29.60 1.77
C PRO A 77 -0.73 -29.19 2.99
N SER A 78 -0.95 -30.16 3.88
CA SER A 78 -1.89 -30.03 5.00
C SER A 78 -1.38 -29.21 6.16
N THR A 79 -0.11 -28.83 6.14
CA THR A 79 0.40 -27.93 7.15
C THR A 79 -0.07 -26.54 6.79
N ASP A 80 -0.79 -25.95 7.72
CA ASP A 80 -1.47 -24.70 7.53
C ASP A 80 -0.45 -23.59 7.77
N PHE A 81 -0.62 -22.44 7.11
CA PHE A 81 0.20 -21.25 7.39
C PHE A 81 1.62 -21.47 6.92
N ARG A 82 1.73 -21.79 5.64
CA ARG A 82 3.02 -21.93 5.03
C ARG A 82 2.99 -21.32 3.63
N GLY A 83 4.10 -20.69 3.26
CA GLY A 83 4.23 -20.05 1.96
C GLY A 83 5.23 -20.78 1.11
N TYR A 84 5.06 -20.72 -0.22
CA TYR A 84 5.87 -21.45 -1.16
C TYR A 84 6.32 -20.61 -2.34
N PHE A 85 7.56 -20.81 -2.78
CA PHE A 85 8.05 -20.16 -3.97
C PHE A 85 7.74 -21.03 -5.19
N VAL A 86 7.58 -20.43 -6.35
CA VAL A 86 7.21 -21.19 -7.53
C VAL A 86 8.11 -20.77 -8.68
N ARG A 87 8.67 -21.75 -9.35
CA ARG A 87 9.56 -21.50 -10.46
C ARG A 87 8.96 -22.20 -11.67
N ILE A 88 9.11 -21.60 -12.84
CA ILE A 88 8.75 -22.20 -14.12
C ILE A 88 9.93 -22.02 -15.04
N ASP A 89 10.45 -23.11 -15.60
CA ASP A 89 11.64 -22.99 -16.43
C ASP A 89 11.28 -23.51 -17.81
N ALA A 90 11.69 -22.81 -18.85
CA ALA A 90 11.39 -23.21 -20.23
C ALA A 90 12.60 -23.05 -21.14
N GLY A 91 13.79 -23.21 -20.56
CA GLY A 91 15.02 -23.13 -21.30
C GLY A 91 15.05 -21.84 -22.06
N THR A 92 15.18 -21.94 -23.39
CA THR A 92 15.53 -20.78 -24.24
C THR A 92 14.37 -19.81 -24.40
N LEU A 93 13.15 -20.33 -24.35
CA LEU A 93 11.93 -19.52 -24.20
C LEU A 93 11.87 -18.62 -22.94
N GLY A 94 12.62 -18.96 -21.90
CA GLY A 94 12.74 -18.14 -20.71
C GLY A 94 12.19 -18.84 -19.50
N GLN A 95 12.11 -18.08 -18.40
CA GLN A 95 11.57 -18.52 -17.12
C GLN A 95 10.55 -17.54 -16.54
N GLY A 96 9.90 -17.97 -15.46
CA GLY A 96 9.13 -17.05 -14.61
C GLY A 96 8.90 -17.55 -13.19
N ALA A 97 8.14 -16.79 -12.40
CA ALA A 97 7.90 -17.16 -11.01
C ALA A 97 6.61 -16.61 -10.45
N THR A 98 6.15 -17.29 -9.42
CA THR A 98 5.14 -16.74 -8.54
C THR A 98 5.29 -17.33 -7.13
N ALA A 99 4.24 -17.21 -6.30
CA ALA A 99 4.25 -17.74 -4.92
C ALA A 99 2.86 -18.13 -4.54
N ILE A 100 2.75 -18.96 -3.53
CA ILE A 100 1.49 -19.51 -3.10
C ILE A 100 1.36 -19.46 -1.59
N ASP A 101 0.19 -19.12 -1.07
CA ASP A 101 0.08 -19.00 0.39
C ASP A 101 -1.01 -19.92 0.81
N VAL A 102 -0.66 -20.84 1.71
CA VAL A 102 -1.56 -21.84 2.22
C VAL A 102 -1.77 -21.49 3.65
N SER A 103 -2.98 -21.07 3.93
CA SER A 103 -3.31 -20.37 5.16
C SER A 103 -4.85 -20.31 5.24
N SER A 104 -5.40 -20.81 6.33
CA SER A 104 -6.83 -20.94 6.47
C SER A 104 -7.44 -19.61 6.85
N ASP A 105 -6.61 -18.68 7.29
CA ASP A 105 -7.04 -17.41 7.88
C ASP A 105 -6.09 -16.31 7.40
N PHE A 106 -6.62 -15.29 6.72
CA PHE A 106 -5.76 -14.26 6.14
C PHE A 106 -5.08 -13.33 7.15
N THR A 107 -5.61 -13.31 8.38
CA THR A 107 -5.15 -12.38 9.42
C THR A 107 -3.77 -12.72 9.97
N LYS A 108 -3.21 -13.84 9.58
CA LYS A 108 -1.87 -14.19 10.01
C LYS A 108 -0.88 -13.54 9.09
N TYR A 109 -1.16 -13.59 7.81
CA TYR A 109 -0.35 -12.98 6.79
C TYR A 109 -1.27 -12.07 5.93
N PRO A 110 -1.68 -10.92 6.46
CA PRO A 110 -2.47 -10.03 5.63
C PRO A 110 -1.63 -9.41 4.54
N ARG A 111 -2.16 -9.43 3.33
CA ARG A 111 -1.67 -8.63 2.22
C ARG A 111 -2.91 -7.85 1.82
N TYR A 112 -2.95 -6.61 2.29
CA TYR A 112 -4.12 -5.77 2.31
C TYR A 112 -4.10 -4.86 1.07
N GLY A 113 -5.21 -4.86 0.33
CA GLY A 113 -5.38 -3.88 -0.75
C GLY A 113 -6.49 -2.90 -0.41
N TYR A 114 -6.98 -2.22 -1.42
CA TYR A 114 -8.14 -1.43 -1.24
C TYR A 114 -8.97 -1.32 -2.52
N ILE A 115 -10.25 -0.98 -2.32
CA ILE A 115 -11.14 -0.49 -3.36
C ILE A 115 -11.78 0.84 -2.91
N SER A 116 -11.79 1.85 -3.78
CA SER A 116 -12.38 3.18 -3.46
C SER A 116 -13.36 3.72 -4.47
N GLU A 117 -13.58 3.00 -5.56
CA GLU A 117 -14.45 3.39 -6.65
C GLU A 117 -15.57 2.35 -6.86
N PHE A 118 -16.77 2.86 -7.18
CA PHE A 118 -18.01 2.09 -7.13
C PHE A 118 -18.96 2.56 -8.23
N GLU A 119 -18.36 2.87 -9.34
CA GLU A 119 -19.04 3.48 -10.42
C GLU A 119 -20.04 2.58 -11.04
N SER A 120 -21.06 3.26 -11.52
CA SER A 120 -22.26 2.66 -12.02
C SER A 120 -21.96 2.02 -13.37
N GLY A 121 -21.21 2.72 -14.20
CA GLY A 121 -20.74 2.13 -15.46
C GLY A 121 -19.98 0.81 -15.36
N GLU A 122 -19.31 0.57 -14.24
CA GLU A 122 -18.49 -0.65 -14.03
C GLU A 122 -19.33 -1.90 -14.15
N THR A 123 -18.93 -2.79 -15.06
CA THR A 123 -19.58 -4.09 -15.26
C THR A 123 -18.98 -5.15 -14.36
N ALA A 124 -19.77 -6.19 -14.12
CA ALA A 124 -19.31 -7.27 -13.26
C ALA A 124 -17.96 -7.82 -13.73
N LEU A 125 -17.72 -7.67 -15.03
CA LEU A 125 -16.55 -8.21 -15.68
C LEU A 125 -15.38 -7.31 -15.35
N GLU A 126 -15.55 -6.02 -15.55
CA GLU A 126 -14.53 -5.10 -15.10
C GLU A 126 -14.24 -5.24 -13.58
N SER A 127 -15.27 -5.40 -12.75
CA SER A 127 -15.03 -5.51 -11.31
C SER A 127 -14.17 -6.73 -10.98
N LYS A 128 -14.49 -7.86 -11.59
CA LYS A 128 -13.70 -9.09 -11.45
C LYS A 128 -12.26 -8.90 -11.94
N ALA A 129 -12.13 -8.13 -13.01
CA ALA A 129 -10.84 -7.93 -13.63
C ALA A 129 -9.94 -7.21 -12.65
N LYS A 130 -10.48 -6.20 -11.93
CA LYS A 130 -9.62 -5.39 -11.09
C LYS A 130 -9.23 -6.20 -9.88
N VAL A 131 -10.15 -7.00 -9.39
CA VAL A 131 -9.84 -7.76 -8.23
C VAL A 131 -8.85 -8.85 -8.59
N ASP A 132 -9.17 -9.60 -9.67
CA ASP A 132 -8.30 -10.62 -10.23
C ASP A 132 -6.88 -10.15 -10.47
N GLN A 133 -6.72 -8.98 -11.04
CA GLN A 133 -5.35 -8.48 -11.28
C GLN A 133 -4.58 -8.34 -9.95
N LEU A 134 -5.19 -7.76 -8.94
CA LEU A 134 -4.42 -7.61 -7.69
C LEU A 134 -4.15 -8.93 -7.05
N ALA A 135 -5.11 -9.86 -7.11
CA ALA A 135 -5.00 -11.18 -6.44
C ALA A 135 -3.93 -12.07 -7.10
N GLN A 136 -3.96 -12.13 -8.43
CA GLN A 136 -2.98 -12.83 -9.25
C GLN A 136 -1.61 -12.25 -9.20
N ASP A 137 -1.51 -10.95 -9.44
CA ASP A 137 -0.18 -10.28 -9.46
C ASP A 137 0.52 -10.10 -8.06
N TYR A 138 -0.23 -10.08 -6.97
CA TYR A 138 0.36 -9.77 -5.66
C TYR A 138 -0.17 -10.58 -4.45
N HIS A 139 -1.13 -11.48 -4.68
CA HIS A 139 -1.68 -12.35 -3.63
C HIS A 139 -2.38 -11.52 -2.55
N ILE A 140 -2.95 -10.39 -2.95
CA ILE A 140 -3.73 -9.59 -2.03
C ILE A 140 -4.87 -10.45 -1.49
N ASN A 141 -5.01 -10.59 -0.18
CA ASN A 141 -6.06 -11.46 0.29
C ASN A 141 -7.14 -10.79 1.13
N ALA A 142 -7.03 -9.49 1.26
CA ALA A 142 -8.03 -8.71 1.94
C ALA A 142 -8.07 -7.36 1.26
N TRP A 143 -9.29 -6.80 1.15
CA TRP A 143 -9.46 -5.48 0.56
C TRP A 143 -10.17 -4.55 1.51
N GLN A 144 -9.60 -3.33 1.63
CA GLN A 144 -10.25 -2.26 2.38
C GLN A 144 -11.14 -1.49 1.44
N PHE A 145 -12.44 -1.59 1.67
CA PHE A 145 -13.43 -0.84 0.90
C PHE A 145 -13.54 0.56 1.53
N TYR A 146 -13.08 1.55 0.77
CA TYR A 146 -12.94 2.91 1.23
C TYR A 146 -14.01 3.78 0.64
N ASP A 147 -14.66 4.50 1.53
CA ASP A 147 -15.72 5.45 1.18
C ASP A 147 -16.75 4.81 0.30
N TRP A 148 -17.29 3.71 0.80
CA TRP A 148 -18.40 3.02 0.18
C TRP A 148 -19.69 3.50 0.74
N MET A 149 -19.63 3.94 2.00
CA MET A 149 -20.86 4.16 2.75
C MET A 149 -21.57 5.41 2.26
N TRP A 150 -22.88 5.47 2.48
CA TRP A 150 -23.65 6.69 2.25
C TRP A 150 -23.24 7.77 3.27
N ARG A 151 -23.66 7.62 4.53
CA ARG A 151 -23.22 8.44 5.65
C ARG A 151 -22.42 7.63 6.64
N HIS A 152 -21.52 8.33 7.33
CA HIS A 152 -20.72 7.72 8.38
C HIS A 152 -21.58 7.10 9.51
N ASP A 153 -22.79 7.59 9.74
CA ASP A 153 -23.66 7.12 10.79
C ASP A 153 -24.88 6.38 10.25
N LYS A 154 -24.84 6.10 8.97
CA LYS A 154 -25.96 5.49 8.26
C LYS A 154 -25.40 5.01 6.93
N MET A 155 -24.78 3.86 6.97
CA MET A 155 -23.83 3.52 5.92
C MET A 155 -24.51 3.03 4.65
N ILE A 156 -25.70 2.44 4.80
CA ILE A 156 -26.49 1.97 3.71
C ILE A 156 -27.77 2.72 3.59
N LYS A 157 -27.95 3.35 2.44
CA LYS A 157 -29.06 4.19 2.25
C LYS A 157 -30.26 3.40 1.80
N ARG A 158 -31.36 3.59 2.52
CA ARG A 158 -32.62 2.94 2.28
C ARG A 158 -33.77 3.94 2.06
N THR A 159 -34.75 3.53 1.28
CA THR A 159 -36.00 4.27 1.08
C THR A 159 -37.04 3.28 1.56
N GLY A 160 -37.60 3.56 2.73
CA GLY A 160 -38.41 2.59 3.43
C GLY A 160 -37.48 1.45 3.80
N GLY A 161 -37.82 0.27 3.35
CA GLY A 161 -37.09 -0.93 3.70
C GLY A 161 -36.41 -1.46 2.49
N SER A 162 -36.25 -0.58 1.51
CA SER A 162 -35.65 -0.90 0.24
C SER A 162 -34.28 -0.20 0.04
N ILE A 163 -33.26 -0.95 -0.24
CA ILE A 163 -31.96 -0.40 -0.45
C ILE A 163 -31.88 0.43 -1.77
N ASP A 164 -31.44 1.66 -1.63
CA ASP A 164 -31.25 2.55 -2.75
C ASP A 164 -30.14 2.06 -3.62
N SER A 165 -30.35 2.12 -4.92
CA SER A 165 -29.49 1.39 -5.83
C SER A 165 -28.24 2.16 -6.09
N THR A 166 -28.32 3.44 -5.90
CA THR A 166 -27.13 4.28 -5.86
C THR A 166 -27.35 5.34 -4.78
N TRP A 167 -26.27 5.96 -4.34
CA TRP A 167 -26.33 7.05 -3.43
C TRP A 167 -25.07 7.95 -3.58
N LEU A 168 -25.06 9.13 -2.98
CA LEU A 168 -23.91 10.06 -3.03
C LEU A 168 -23.17 10.14 -1.70
N ASP A 169 -21.85 10.03 -1.77
CA ASP A 169 -21.05 10.04 -0.59
C ASP A 169 -20.78 11.50 -0.27
N LEU A 170 -19.99 11.73 0.78
CA LEU A 170 -19.82 13.06 1.32
C LEU A 170 -19.12 14.01 0.37
N PHE A 171 -18.39 13.47 -0.60
CA PHE A 171 -17.81 14.32 -1.63
C PHE A 171 -18.62 14.24 -2.92
N ASN A 172 -19.89 13.90 -2.81
CA ASN A 172 -20.78 13.86 -3.96
C ASN A 172 -20.47 12.82 -5.06
N ARG A 173 -19.66 11.82 -4.77
CA ARG A 173 -19.48 10.72 -5.70
C ARG A 173 -20.71 9.86 -5.70
N GLU A 174 -21.03 9.30 -6.87
CA GLU A 174 -22.11 8.33 -6.98
C GLU A 174 -21.61 6.92 -6.67
N ILE A 175 -22.08 6.33 -5.59
CA ILE A 175 -21.79 4.95 -5.25
C ILE A 175 -22.90 4.04 -5.77
N SER A 176 -22.54 2.98 -6.52
CA SER A 176 -23.47 1.92 -6.98
C SER A 176 -23.60 0.66 -6.13
N TRP A 177 -24.79 0.33 -5.69
CA TRP A 177 -24.94 -0.84 -4.89
C TRP A 177 -24.46 -2.05 -5.66
N SER A 178 -24.77 -2.12 -6.95
CA SER A 178 -24.60 -3.37 -7.66
C SER A 178 -23.11 -3.51 -7.92
N THR A 179 -22.45 -2.42 -8.35
CA THR A 179 -21.01 -2.44 -8.47
C THR A 179 -20.32 -2.88 -7.16
N LEU A 180 -20.73 -2.29 -6.06
CA LEU A 180 -20.20 -2.72 -4.79
C LEU A 180 -20.44 -4.19 -4.57
N GLN A 181 -21.64 -4.66 -4.85
CA GLN A 181 -21.94 -6.05 -4.53
C GLN A 181 -21.14 -6.98 -5.49
N ASN A 182 -20.84 -6.51 -6.72
CA ASN A 182 -20.08 -7.32 -7.62
C ASN A 182 -18.69 -7.44 -7.16
N GLN A 183 -18.11 -6.31 -6.76
CA GLN A 183 -16.73 -6.31 -6.28
C GLN A 183 -16.60 -7.24 -5.07
N ILE A 184 -17.52 -7.15 -4.12
CA ILE A 184 -17.46 -8.04 -2.98
C ILE A 184 -17.53 -9.53 -3.41
N ASP A 185 -18.42 -9.85 -4.36
CA ASP A 185 -18.54 -11.21 -4.91
C ASP A 185 -17.18 -11.64 -5.50
N ALA A 186 -16.55 -10.78 -6.31
CA ALA A 186 -15.25 -11.05 -6.85
C ALA A 186 -14.11 -11.27 -5.81
N VAL A 187 -14.09 -10.46 -4.78
CA VAL A 187 -13.15 -10.62 -3.70
C VAL A 187 -13.31 -12.01 -3.15
N HIS A 188 -14.54 -12.39 -2.87
CA HIS A 188 -14.78 -13.72 -2.36
C HIS A 188 -14.31 -14.85 -3.30
N ASP A 189 -14.44 -14.68 -4.62
CA ASP A 189 -14.09 -15.69 -5.60
C ASP A 189 -12.62 -16.09 -5.50
N VAL A 190 -11.75 -15.11 -5.31
CA VAL A 190 -10.33 -15.37 -5.10
C VAL A 190 -9.97 -15.68 -3.65
N ASN A 191 -10.94 -16.07 -2.83
CA ASN A 191 -10.70 -16.30 -1.41
C ASN A 191 -10.22 -15.04 -0.70
N GLY A 192 -10.60 -13.90 -1.26
CA GLY A 192 -10.40 -12.62 -0.60
C GLY A 192 -11.36 -12.43 0.56
N LYS A 193 -11.00 -11.52 1.46
CA LYS A 193 -11.91 -10.98 2.42
C LYS A 193 -12.13 -9.45 2.21
N ALA A 194 -13.32 -8.96 2.57
CA ALA A 194 -13.72 -7.57 2.30
C ALA A 194 -13.98 -6.81 3.60
N MET A 195 -13.22 -5.74 3.84
CA MET A 195 -13.30 -5.02 5.07
C MET A 195 -14.01 -3.71 4.77
N ALA A 196 -15.09 -3.44 5.50
CA ALA A 196 -15.76 -2.16 5.33
C ALA A 196 -15.02 -1.18 6.15
N TYR A 197 -14.67 -0.04 5.52
CA TYR A 197 -14.17 1.09 6.26
C TYR A 197 -15.32 1.72 7.03
N ALA A 198 -15.01 2.15 8.23
CA ALA A 198 -15.99 2.81 9.07
C ALA A 198 -15.30 3.51 10.23
N MET A 199 -15.82 4.65 10.61
CA MET A 199 -15.24 5.37 11.73
C MET A 199 -15.66 4.73 13.07
N ILE A 200 -14.81 4.85 14.06
CA ILE A 200 -15.18 4.51 15.42
C ILE A 200 -16.17 5.45 16.09
N TYR A 201 -16.22 6.71 15.64
CA TYR A 201 -16.84 7.75 16.46
C TYR A 201 -17.48 8.94 15.76
N ALA A 202 -17.73 8.77 14.47
CA ALA A 202 -18.20 9.82 13.59
C ALA A 202 -19.66 9.65 13.18
N SER A 203 -20.41 10.73 13.30
CA SER A 203 -21.65 10.91 12.59
C SER A 203 -21.44 11.99 11.55
N ARG A 204 -22.42 12.19 10.70
CA ARG A 204 -22.37 13.30 9.79
C ARG A 204 -23.24 14.36 10.39
N GLU A 205 -23.21 15.51 9.77
CA GLU A 205 -24.03 16.64 10.21
C GLU A 205 -25.49 16.30 10.36
N ASN A 206 -26.16 16.99 11.26
CA ASN A 206 -27.62 16.99 11.28
C ASN A 206 -28.12 15.58 11.62
N TYR A 207 -27.49 15.13 12.69
CA TYR A 207 -27.60 13.83 13.18
C TYR A 207 -28.79 13.56 14.09
N SER A 208 -29.31 14.58 14.73
CA SER A 208 -30.38 14.37 15.71
C SER A 208 -31.63 13.68 15.17
N PRO A 209 -32.07 14.00 13.94
CA PRO A 209 -33.20 13.27 13.32
C PRO A 209 -32.95 11.77 12.93
N LEU A 210 -31.71 11.27 13.05
CA LEU A 210 -31.44 9.88 12.96
C LEU A 210 -31.47 9.30 14.37
N GLY A 211 -31.94 10.05 15.36
CA GLY A 211 -32.02 9.55 16.74
C GLY A 211 -30.73 9.50 17.51
N ILE A 212 -29.66 10.07 16.97
CA ILE A 212 -28.39 10.16 17.67
C ILE A 212 -28.42 11.40 18.59
N SER A 213 -27.94 11.24 19.82
CA SER A 213 -28.00 12.29 20.77
C SER A 213 -26.63 12.95 20.97
N PRO A 214 -26.59 14.30 20.97
CA PRO A 214 -25.38 15.00 21.35
C PRO A 214 -24.82 14.61 22.71
N THR A 215 -25.67 14.11 23.63
CA THR A 215 -25.21 13.66 24.96
C THR A 215 -24.27 12.45 24.92
N TRP A 216 -24.19 11.79 23.74
CA TRP A 216 -23.20 10.72 23.49
C TRP A 216 -21.86 11.28 22.99
N GLY A 217 -21.84 12.59 22.70
CA GLY A 217 -20.68 13.24 22.05
C GLY A 217 -19.41 13.52 22.85
N ILE A 218 -18.31 13.75 22.14
CA ILE A 218 -17.15 14.30 22.81
C ILE A 218 -17.04 15.77 22.55
N TYR A 219 -16.41 16.50 23.46
CA TYR A 219 -16.42 17.97 23.43
C TYR A 219 -15.07 18.55 23.75
N GLU A 220 -14.79 19.69 23.10
CA GLU A 220 -13.49 20.37 23.21
C GLU A 220 -13.31 21.06 24.57
N ASP A 221 -14.42 21.19 25.30
CA ASP A 221 -14.55 21.97 26.53
C ASP A 221 -15.56 21.30 27.46
N SER A 222 -15.68 21.78 28.69
CA SER A 222 -16.54 21.13 29.69
C SER A 222 -17.91 21.76 29.95
N SER A 223 -18.42 22.57 29.05
CA SER A 223 -19.79 23.10 29.11
C SER A 223 -20.63 22.53 27.93
N HIS A 224 -20.15 21.44 27.34
CA HIS A 224 -20.80 20.81 26.20
C HIS A 224 -21.15 21.84 25.12
N THR A 225 -20.15 22.66 24.80
CA THR A 225 -20.34 23.79 23.92
C THR A 225 -19.88 23.53 22.49
N ASN A 226 -18.68 23.01 22.32
CA ASN A 226 -18.20 22.64 20.96
C ASN A 226 -17.88 21.15 20.94
N GLN A 227 -18.64 20.45 20.11
CA GLN A 227 -18.38 19.07 19.81
C GLN A 227 -17.14 19.00 18.88
N PHE A 228 -16.17 18.15 19.19
CA PHE A 228 -15.10 17.90 18.25
C PHE A 228 -15.71 17.61 16.91
N ASP A 229 -15.15 18.20 15.85
CA ASP A 229 -15.71 17.98 14.54
C ASP A 229 -14.62 17.82 13.49
N VAL A 230 -15.07 17.67 12.24
CA VAL A 230 -14.19 17.63 11.07
C VAL A 230 -14.92 18.44 10.01
N ASP A 231 -14.25 19.47 9.51
CA ASP A 231 -14.87 20.49 8.70
C ASP A 231 -14.40 20.29 7.30
N PHE A 232 -15.29 19.96 6.38
CA PHE A 232 -14.85 19.66 4.99
C PHE A 232 -14.78 20.87 4.09
N GLY A 233 -15.16 22.03 4.61
CA GLY A 233 -14.82 23.32 4.02
C GLY A 233 -15.92 24.03 3.25
N ASP A 234 -17.14 23.48 3.25
CA ASP A 234 -18.23 24.04 2.48
C ASP A 234 -19.37 24.59 3.35
N GLY A 235 -19.09 24.79 4.63
CA GLY A 235 -20.12 25.25 5.57
C GLY A 235 -21.28 24.28 5.89
N SER A 236 -21.40 23.17 5.13
CA SER A 236 -22.48 22.18 5.31
C SER A 236 -22.10 20.84 5.93
N THR A 237 -20.90 20.37 5.62
CA THR A 237 -20.58 19.00 5.59
C THR A 237 -19.55 18.70 6.61
N TYR A 238 -19.92 17.87 7.55
CA TYR A 238 -19.10 17.70 8.71
C TYR A 238 -19.24 16.33 9.21
N LEU A 239 -18.18 15.86 9.83
CA LEU A 239 -18.27 14.86 10.84
C LEU A 239 -18.26 15.43 12.31
N TYR A 240 -19.13 14.90 13.15
CA TYR A 240 -19.13 15.13 14.56
C TYR A 240 -18.66 13.91 15.31
N MET A 241 -18.00 14.10 16.46
CA MET A 241 -17.31 13.02 17.10
C MET A 241 -18.00 12.68 18.37
N PHE A 242 -17.83 11.41 18.76
CA PHE A 242 -18.60 10.77 19.83
C PHE A 242 -17.71 9.98 20.75
N ASP A 243 -18.22 9.62 21.90
CA ASP A 243 -17.43 8.90 22.89
C ASP A 243 -17.43 7.37 22.60
N PRO A 244 -16.30 6.82 22.14
CA PRO A 244 -16.21 5.37 21.98
C PRO A 244 -16.66 4.47 23.17
N GLN A 245 -16.59 4.95 24.41
CA GLN A 245 -17.06 4.15 25.57
C GLN A 245 -18.51 4.43 25.92
N ASN A 246 -19.14 5.38 25.26
CA ASN A 246 -20.51 5.55 25.56
C ASN A 246 -21.30 4.31 25.12
N PRO A 247 -22.07 3.71 26.03
CA PRO A 247 -22.84 2.53 25.63
C PRO A 247 -23.96 2.82 24.57
N ASN A 248 -24.63 3.97 24.60
CA ASN A 248 -25.59 4.27 23.51
C ASN A 248 -24.94 4.44 22.12
N TRP A 249 -23.79 5.08 22.05
CA TRP A 249 -23.11 5.24 20.77
C TRP A 249 -22.55 3.91 20.31
N GLN A 250 -22.03 3.12 21.21
CA GLN A 250 -21.66 1.76 20.80
C GLN A 250 -22.88 1.01 20.23
N ASN A 251 -23.98 1.06 20.97
CA ASN A 251 -25.21 0.42 20.55
C ASN A 251 -25.55 0.85 19.11
N TYR A 252 -25.59 2.16 18.88
CA TYR A 252 -25.98 2.73 17.60
C TYR A 252 -25.06 2.26 16.48
N ILE A 253 -23.79 2.46 16.63
CA ILE A 253 -22.88 2.30 15.50
C ILE A 253 -22.43 0.85 15.34
N HIS A 254 -22.49 0.03 16.41
CA HIS A 254 -22.28 -1.42 16.23
C HIS A 254 -23.48 -2.08 15.47
N ALA A 255 -24.67 -1.53 15.69
CA ALA A 255 -25.78 -1.97 14.93
C ALA A 255 -25.57 -1.61 13.44
N GLU A 256 -24.88 -0.53 13.15
CA GLU A 256 -24.58 -0.22 11.73
C GLU A 256 -23.50 -1.12 11.17
N TYR A 257 -22.53 -1.49 11.99
CA TYR A 257 -21.43 -2.37 11.58
C TYR A 257 -22.01 -3.69 11.13
N ILE A 258 -22.97 -4.16 11.92
CA ILE A 258 -23.66 -5.43 11.75
C ILE A 258 -24.59 -5.45 10.54
N ASP A 259 -25.35 -4.37 10.40
CA ASP A 259 -26.17 -4.15 9.21
C ASP A 259 -25.26 -4.31 8.02
N SER A 260 -24.09 -3.67 8.04
CA SER A 260 -23.14 -3.73 6.89
C SER A 260 -22.59 -5.13 6.59
N ILE A 261 -22.31 -5.88 7.64
CA ILE A 261 -21.84 -7.21 7.47
C ILE A 261 -23.02 -7.93 6.81
N ASN A 262 -24.19 -7.87 7.43
CA ASN A 262 -25.29 -8.76 7.04
C ASN A 262 -25.97 -8.36 5.78
N THR A 263 -25.95 -7.08 5.43
CA THR A 263 -26.66 -6.64 4.25
C THR A 263 -25.76 -6.60 3.03
N ALA A 264 -24.59 -6.02 3.16
CA ALA A 264 -23.62 -5.95 2.07
C ALA A 264 -22.76 -7.21 1.86
N GLY A 265 -22.59 -8.00 2.91
CA GLY A 265 -21.78 -9.21 2.82
C GLY A 265 -20.32 -9.06 3.18
N PHE A 266 -19.96 -7.93 3.79
CA PHE A 266 -18.58 -7.75 4.27
C PHE A 266 -18.14 -8.88 5.26
N ASP A 267 -16.82 -9.10 5.36
CA ASP A 267 -16.25 -10.05 6.30
C ASP A 267 -15.66 -9.40 7.55
N GLY A 268 -15.84 -8.10 7.64
CA GLY A 268 -15.37 -7.42 8.82
C GLY A 268 -15.33 -5.92 8.63
N ILE A 269 -14.91 -5.26 9.68
CA ILE A 269 -14.89 -3.83 9.74
C ILE A 269 -13.49 -3.36 9.94
N HIS A 270 -13.03 -2.52 9.02
CA HIS A 270 -11.82 -1.69 9.22
C HIS A 270 -12.18 -0.36 9.92
N VAL A 271 -11.92 -0.31 11.23
CA VAL A 271 -12.24 0.88 11.99
C VAL A 271 -11.16 2.00 11.95
N ALA A 272 -11.61 3.17 11.56
CA ALA A 272 -10.77 4.32 11.42
C ALA A 272 -10.94 5.29 12.57
N GLN A 273 -10.10 6.33 12.58
CA GLN A 273 -10.20 7.41 13.55
C GLN A 273 -9.39 8.57 13.05
N MET A 274 -9.58 9.73 13.69
CA MET A 274 -8.89 10.94 13.22
C MET A 274 -7.53 11.14 13.86
N GLY A 275 -7.17 10.37 14.87
CA GLY A 275 -5.98 10.71 15.63
C GLY A 275 -6.20 11.65 16.83
N GLN A 276 -5.08 11.95 17.46
CA GLN A 276 -4.99 12.61 18.73
C GLN A 276 -5.85 13.85 18.93
N ARG A 277 -6.52 13.89 20.06
CA ARG A 277 -7.28 15.06 20.48
C ARG A 277 -7.00 15.17 21.94
N SER A 278 -6.83 16.39 22.43
CA SER A 278 -6.37 16.56 23.82
C SER A 278 -7.41 17.36 24.56
N ASN A 279 -7.40 17.24 25.90
CA ASN A 279 -8.35 18.02 26.71
C ASN A 279 -9.77 17.70 26.21
N VAL A 280 -10.15 16.45 26.42
CA VAL A 280 -11.41 15.93 25.89
C VAL A 280 -12.40 15.77 27.04
N TYR A 281 -13.62 16.25 26.82
CA TYR A 281 -14.66 16.04 27.80
C TYR A 281 -15.84 15.29 27.19
N ASP A 282 -16.67 14.71 28.05
CA ASP A 282 -17.98 14.16 27.64
C ASP A 282 -19.00 15.25 27.81
N TYR A 283 -20.25 14.98 27.52
CA TYR A 283 -21.31 15.98 27.59
C TYR A 283 -21.40 16.55 28.98
N ASN A 284 -21.27 15.69 29.99
CA ASN A 284 -21.50 16.15 31.35
C ASN A 284 -20.32 16.94 31.91
N GLY A 285 -19.22 17.08 31.17
CA GLY A 285 -18.08 17.84 31.64
C GLY A 285 -17.06 17.04 32.45
N ASN A 286 -17.14 15.72 32.53
CA ASN A 286 -16.00 14.91 33.02
C ASN A 286 -14.84 14.78 32.02
N SER A 287 -13.70 15.28 32.42
CA SER A 287 -12.50 15.18 31.63
C SER A 287 -12.13 13.71 31.45
N ILE A 288 -11.81 13.36 30.20
CA ILE A 288 -11.52 11.96 29.85
C ILE A 288 -10.37 11.86 28.93
N ASP A 289 -9.63 10.77 29.09
CA ASP A 289 -8.52 10.47 28.20
C ASP A 289 -8.99 9.60 26.99
N LEU A 290 -9.16 10.27 25.87
CA LEU A 290 -9.69 9.60 24.69
C LEU A 290 -8.88 8.41 24.27
N SER A 291 -7.59 8.40 24.59
CA SER A 291 -6.68 7.34 24.08
C SER A 291 -6.82 5.96 24.70
N THR A 292 -7.53 5.85 25.83
CA THR A 292 -7.75 4.55 26.48
C THR A 292 -9.15 3.99 26.26
N ARG A 293 -9.99 4.79 25.61
CA ARG A 293 -11.35 4.49 25.32
C ARG A 293 -11.67 3.76 24.00
N PHE A 294 -10.68 3.39 23.20
CA PHE A 294 -10.93 2.76 21.93
C PHE A 294 -11.04 1.25 22.11
N SER A 295 -10.18 0.67 22.91
CA SER A 295 -10.24 -0.78 23.03
C SER A 295 -11.49 -1.33 23.80
N PRO A 296 -12.04 -0.59 24.77
CA PRO A 296 -13.38 -1.04 25.24
C PRO A 296 -14.44 -1.05 24.11
N PHE A 297 -14.37 -0.11 23.17
CA PHE A 297 -15.28 -0.14 22.00
C PHE A 297 -14.93 -1.36 21.13
N LEU A 298 -13.66 -1.50 20.85
CA LEU A 298 -13.22 -2.60 20.00
C LEU A 298 -13.46 -4.00 20.57
N ASP A 299 -13.47 -4.12 21.89
CA ASP A 299 -13.68 -5.41 22.51
C ASP A 299 -15.15 -5.73 22.30
N GLN A 300 -15.99 -4.76 22.59
CA GLN A 300 -17.40 -4.91 22.45
C GLN A 300 -17.72 -5.15 20.97
N ALA A 301 -17.10 -4.40 20.10
CA ALA A 301 -17.29 -4.64 18.66
C ALA A 301 -16.99 -6.08 18.29
N LYS A 302 -15.83 -6.55 18.72
CA LYS A 302 -15.39 -7.87 18.36
C LYS A 302 -16.41 -8.89 18.83
N SER A 303 -16.90 -8.70 20.05
CA SER A 303 -17.80 -9.67 20.63
C SER A 303 -19.18 -9.69 19.94
N VAL A 304 -19.77 -8.54 19.60
CA VAL A 304 -21.04 -8.64 18.86
C VAL A 304 -20.85 -9.10 17.41
N LEU A 305 -19.70 -8.84 16.80
CA LEU A 305 -19.41 -9.41 15.47
C LEU A 305 -19.22 -10.95 15.50
N SER A 306 -18.42 -11.43 16.46
CA SER A 306 -18.21 -12.92 16.62
C SER A 306 -19.48 -13.69 16.95
N ALA A 307 -20.35 -13.09 17.77
CA ALA A 307 -21.71 -13.59 18.01
C ALA A 307 -22.57 -13.59 16.77
N ASN A 308 -22.48 -12.56 15.92
CA ASN A 308 -23.31 -12.50 14.72
C ASN A 308 -22.82 -13.52 13.72
N ASN A 309 -21.52 -13.61 13.55
CA ASN A 309 -21.02 -14.46 12.52
C ASN A 309 -19.55 -14.64 12.62
N PRO A 310 -19.11 -15.77 13.21
CA PRO A 310 -17.69 -16.10 13.42
C PRO A 310 -16.88 -16.11 12.16
N ALA A 311 -17.51 -16.31 11.01
CA ALA A 311 -16.80 -16.32 9.74
C ALA A 311 -16.58 -14.93 9.16
N ARG A 312 -17.26 -13.93 9.74
CA ARG A 312 -17.27 -12.55 9.21
C ARG A 312 -17.17 -11.53 10.34
N ASP A 313 -16.24 -11.78 11.26
CA ASP A 313 -16.10 -10.97 12.43
C ASP A 313 -14.72 -10.37 12.50
N ASN A 314 -14.09 -10.19 11.35
CA ASN A 314 -12.78 -9.56 11.34
C ASN A 314 -12.81 -8.08 11.78
N LEU A 315 -11.75 -7.68 12.46
CA LEU A 315 -11.69 -6.38 13.07
C LEU A 315 -10.26 -5.85 13.09
N THR A 316 -10.07 -4.65 12.56
CA THR A 316 -8.84 -3.92 12.85
C THR A 316 -9.17 -2.48 13.18
N TYR A 317 -8.13 -1.74 13.56
CA TYR A 317 -8.32 -0.36 14.03
C TYR A 317 -7.11 0.45 13.67
N ASN A 318 -7.37 1.64 13.13
CA ASN A 318 -6.27 2.51 12.72
C ASN A 318 -5.60 3.25 13.90
N ILE A 319 -4.44 2.74 14.30
CA ILE A 319 -3.57 3.56 15.16
C ILE A 319 -2.89 4.68 14.36
N VAL A 320 -3.54 5.82 14.31
CA VAL A 320 -3.06 6.99 13.58
C VAL A 320 -1.82 7.66 14.17
N ASP A 321 -0.89 8.00 13.30
CA ASP A 321 0.32 8.75 13.65
C ASP A 321 1.25 7.90 14.46
N GLY A 322 1.60 6.76 13.90
CA GLY A 322 2.29 5.75 14.66
C GLY A 322 3.73 6.11 14.88
N THR A 323 4.23 5.68 16.03
CA THR A 323 5.59 5.90 16.45
C THR A 323 5.76 5.25 17.80
N VAL A 324 6.96 4.81 18.13
CA VAL A 324 7.24 4.23 19.47
C VAL A 324 6.53 4.98 20.61
N ASN A 325 5.75 4.24 21.41
CA ASN A 325 4.87 4.84 22.46
C ASN A 325 4.06 6.04 22.04
N GLY A 326 3.62 6.03 20.79
CA GLY A 326 2.71 7.08 20.26
C GLY A 326 1.36 7.06 20.91
N TRP A 327 0.62 8.14 20.78
CA TRP A 327 -0.75 8.19 21.27
C TRP A 327 -1.60 6.92 20.91
N ALA A 328 -2.13 6.29 21.96
CA ALA A 328 -2.96 5.08 21.87
C ALA A 328 -2.21 3.86 21.40
N VAL A 329 -0.93 4.03 21.06
CA VAL A 329 -0.13 2.90 20.60
C VAL A 329 -0.16 1.77 21.61
N ASN A 330 0.24 2.02 22.85
CA ASN A 330 0.29 0.97 23.86
C ASN A 330 -1.08 0.40 24.24
N ASP A 331 -2.09 1.24 24.48
CA ASP A 331 -3.36 0.67 24.95
C ASP A 331 -4.00 -0.17 23.88
N VAL A 332 -4.03 0.36 22.65
CA VAL A 332 -4.67 -0.37 21.57
C VAL A 332 -3.93 -1.67 21.30
N SER A 333 -2.62 -1.61 21.10
CA SER A 333 -1.90 -2.79 20.59
C SER A 333 -1.77 -3.85 21.66
N LYS A 334 -1.87 -3.43 22.91
CA LYS A 334 -1.80 -4.37 24.00
C LYS A 334 -3.17 -4.92 24.39
N ASN A 335 -4.23 -4.12 24.39
CA ASN A 335 -5.50 -4.59 25.00
C ASN A 335 -6.77 -4.66 24.13
N ALA A 336 -6.65 -4.62 22.82
CA ALA A 336 -7.83 -4.57 21.96
C ALA A 336 -7.97 -5.88 21.26
N ASP A 337 -9.19 -6.43 21.19
CA ASP A 337 -9.39 -7.75 20.57
C ASP A 337 -9.51 -7.56 19.05
N LEU A 338 -8.36 -7.40 18.41
CA LEU A 338 -8.21 -7.05 17.00
C LEU A 338 -7.56 -8.21 16.34
N ASP A 339 -7.89 -8.47 15.11
CA ASP A 339 -7.34 -9.63 14.46
C ASP A 339 -5.95 -9.34 14.02
N PHE A 340 -5.72 -8.07 13.67
CA PHE A 340 -4.39 -7.67 13.32
C PHE A 340 -4.30 -6.20 13.49
N LEU A 341 -3.06 -5.69 13.50
CA LEU A 341 -2.83 -4.33 13.82
C LEU A 341 -2.60 -3.55 12.56
N TYR A 342 -2.98 -2.28 12.62
CA TYR A 342 -2.88 -1.34 11.51
C TYR A 342 -2.50 0.07 12.01
N SER A 343 -1.69 0.78 11.23
CA SER A 343 -1.20 2.12 11.66
C SER A 343 -0.86 2.99 10.50
N GLU A 344 -1.33 4.23 10.57
CA GLU A 344 -1.00 5.22 9.55
C GLU A 344 0.15 6.06 10.07
N ILE A 345 1.30 5.95 9.43
CA ILE A 345 2.47 6.75 9.77
C ILE A 345 2.40 8.16 9.17
N TRP A 346 2.71 9.15 9.97
CA TRP A 346 2.88 10.49 9.49
C TRP A 346 4.34 10.85 9.80
N TYR A 347 4.56 11.81 10.69
CA TYR A 347 5.87 12.44 10.78
C TYR A 347 6.63 12.14 12.06
N LEU A 348 6.27 11.10 12.77
CA LEU A 348 6.99 10.74 14.00
C LEU A 348 7.85 9.52 13.86
N SER A 349 7.98 8.96 12.66
CA SER A 349 8.91 7.84 12.49
C SER A 349 9.62 7.93 11.17
N ASP A 350 10.18 9.11 10.89
CA ASP A 350 10.69 9.47 9.56
C ASP A 350 11.91 8.70 9.10
N SER A 351 12.63 8.09 10.03
CA SER A 351 13.85 7.37 9.66
C SER A 351 13.52 5.89 9.52
N TYR A 352 14.23 5.21 8.63
CA TYR A 352 14.07 3.78 8.43
C TYR A 352 14.15 3.11 9.80
N ASN A 353 15.05 3.60 10.63
CA ASN A 353 15.30 2.94 11.91
C ASN A 353 14.17 3.14 12.91
N GLN A 354 13.67 4.37 12.99
CA GLN A 354 12.57 4.71 13.85
C GLN A 354 11.31 3.91 13.49
N LEU A 355 11.10 3.71 12.19
CA LEU A 355 9.95 2.99 11.76
C LEU A 355 10.10 1.51 12.04
N LYS A 356 11.32 0.98 11.91
CA LYS A 356 11.60 -0.39 12.31
C LYS A 356 11.23 -0.64 13.79
N ASN A 357 11.67 0.27 14.64
CA ASN A 357 11.48 0.13 16.05
C ASN A 357 9.99 0.21 16.42
N TYR A 358 9.21 0.96 15.64
CA TYR A 358 7.78 1.03 15.88
C TYR A 358 7.09 -0.30 15.49
N ILE A 359 7.45 -0.84 14.36
CA ILE A 359 6.94 -2.11 13.97
C ILE A 359 7.26 -3.12 15.06
N GLU A 360 8.51 -3.12 15.55
CA GLU A 360 8.90 -4.10 16.58
C GLU A 360 8.09 -3.95 17.85
N GLN A 361 7.84 -2.70 18.27
CA GLN A 361 7.03 -2.48 19.45
C GLN A 361 5.63 -3.04 19.21
N LEU A 362 5.12 -2.87 18.00
CA LEU A 362 3.77 -3.28 17.73
C LEU A 362 3.70 -4.81 17.84
N ARG A 363 4.60 -5.45 17.11
CA ARG A 363 4.71 -6.92 17.05
C ARG A 363 4.89 -7.50 18.43
N ALA A 364 5.64 -6.81 19.27
CA ALA A 364 5.84 -7.25 20.66
C ALA A 364 4.59 -7.01 21.50
N ASN A 365 4.00 -5.81 21.44
CA ASN A 365 2.77 -5.52 22.22
C ASN A 365 1.60 -6.47 21.86
N GLY A 366 1.44 -6.76 20.59
CA GLY A 366 0.35 -7.63 20.16
C GLY A 366 0.51 -9.15 20.24
N GLY A 367 1.65 -9.65 20.73
CA GLY A 367 1.87 -11.13 20.82
C GLY A 367 2.11 -11.76 19.45
N ASN A 368 3.12 -11.24 18.76
CA ASN A 368 3.30 -11.43 17.30
C ASN A 368 2.00 -11.57 16.43
N LYS A 369 1.02 -10.69 16.67
CA LYS A 369 -0.04 -10.40 15.69
C LYS A 369 0.54 -9.71 14.45
N ALA A 370 -0.13 -9.88 13.31
CA ALA A 370 0.31 -9.20 12.09
C ALA A 370 0.08 -7.70 12.18
N VAL A 371 1.07 -6.96 11.68
CA VAL A 371 1.00 -5.52 11.61
C VAL A 371 0.96 -5.04 10.15
N VAL A 372 0.06 -4.10 9.84
CA VAL A 372 0.02 -3.50 8.50
C VAL A 372 0.14 -2.01 8.60
N LEU A 373 1.05 -1.42 7.84
CA LEU A 373 1.19 0.02 7.84
C LEU A 373 0.60 0.65 6.62
N ALA A 374 -0.02 1.80 6.83
CA ALA A 374 -0.32 2.73 5.78
C ALA A 374 0.71 3.84 5.90
N ALA A 375 1.35 4.15 4.79
CA ALA A 375 2.54 5.03 4.77
C ALA A 375 2.68 5.51 3.37
N TYR A 376 2.07 6.64 3.05
CA TYR A 376 1.93 6.98 1.67
C TYR A 376 3.23 7.50 1.14
N MET A 377 3.77 6.75 0.18
CA MET A 377 5.08 6.99 -0.35
C MET A 377 5.13 8.19 -1.24
N ASN A 378 6.24 8.92 -1.14
CA ASN A 378 6.52 10.13 -1.92
C ASN A 378 5.49 11.24 -1.66
N TYR A 379 4.84 11.19 -0.51
CA TYR A 379 3.68 12.00 -0.21
C TYR A 379 3.86 13.50 -0.44
N ALA A 380 5.01 14.02 -0.05
CA ALA A 380 5.32 15.46 -0.14
C ALA A 380 6.05 15.82 -1.46
N ASP A 381 6.47 14.82 -2.22
CA ASP A 381 7.25 15.07 -3.42
C ASP A 381 6.43 15.15 -4.67
N ASN A 382 6.70 16.18 -5.46
CA ASN A 382 6.17 16.24 -6.83
C ASN A 382 6.97 15.35 -7.76
N ALA A 383 6.97 14.06 -7.49
CA ALA A 383 7.86 13.17 -8.21
C ALA A 383 7.29 12.84 -9.58
N GLY A 384 8.20 12.77 -10.56
CA GLY A 384 7.90 12.34 -11.92
C GLY A 384 8.60 13.25 -12.95
N THR A 385 8.37 12.96 -14.22
CA THR A 385 8.93 13.75 -15.29
C THR A 385 8.30 15.15 -15.33
N ARG A 386 9.13 16.16 -15.14
CA ARG A 386 8.72 17.57 -15.13
C ARG A 386 8.80 18.27 -16.49
N TYR A 387 7.72 18.96 -16.86
CA TYR A 387 7.73 19.81 -18.02
C TYR A 387 7.48 21.25 -17.58
N GLU A 388 8.51 22.09 -17.71
CA GLU A 388 8.42 23.47 -17.22
C GLU A 388 7.39 24.26 -18.01
N ALA A 389 6.59 25.06 -17.30
CA ALA A 389 5.50 25.74 -17.97
C ALA A 389 6.04 26.93 -18.76
N GLU A 390 7.11 27.52 -18.27
CA GLU A 390 7.86 28.49 -19.05
C GLU A 390 8.44 27.92 -20.37
N SER A 391 8.61 26.61 -20.50
CA SER A 391 9.15 26.02 -21.75
C SER A 391 8.07 25.48 -22.70
N ALA A 392 6.82 25.73 -22.38
CA ALA A 392 5.72 25.21 -23.14
C ALA A 392 5.25 26.28 -24.13
N SER A 393 4.07 26.01 -24.74
CA SER A 393 3.39 26.91 -25.69
C SER A 393 2.19 27.63 -25.07
N MET A 394 2.32 28.92 -24.85
CA MET A 394 1.36 29.67 -24.11
C MET A 394 0.83 30.84 -24.93
N THR A 395 -0.45 31.15 -24.73
CA THR A 395 -1.15 32.20 -25.46
C THR A 395 -1.75 33.27 -24.49
N ASN A 396 -1.40 34.54 -24.69
CA ASN A 396 -1.88 35.69 -23.88
C ASN A 396 -1.50 35.70 -22.43
N VAL A 397 -0.39 35.05 -22.14
CA VAL A 397 0.13 34.94 -20.82
C VAL A 397 1.61 34.84 -21.13
N SER A 398 2.45 35.43 -20.28
CA SER A 398 3.89 35.42 -20.48
C SER A 398 4.65 34.96 -19.21
N THR A 399 5.93 34.63 -19.37
CA THR A 399 6.69 34.15 -18.22
C THR A 399 7.06 35.29 -17.28
N ASN A 400 7.37 34.88 -16.06
CA ASN A 400 7.76 35.80 -15.05
C ASN A 400 8.64 35.09 -14.05
N THR A 401 9.23 35.87 -13.14
CA THR A 401 10.14 35.34 -12.11
C THR A 401 9.95 36.00 -10.72
N ASN A 402 8.89 36.78 -10.56
CA ASN A 402 8.76 37.74 -9.45
C ASN A 402 8.04 37.20 -8.16
N HIS A 403 8.34 35.96 -7.80
CA HIS A 403 7.85 35.27 -6.58
C HIS A 403 8.72 34.01 -6.45
N ALA A 404 9.22 33.74 -5.25
CA ALA A 404 10.34 32.78 -5.12
C ALA A 404 9.79 31.38 -5.01
N GLY A 405 10.65 30.37 -5.15
CA GLY A 405 10.26 28.94 -5.04
C GLY A 405 9.74 28.24 -6.31
N TYR A 406 9.98 28.81 -7.49
CA TYR A 406 9.58 28.12 -8.73
C TYR A 406 10.69 27.16 -9.09
N THR A 407 10.37 26.16 -9.88
CA THR A 407 11.38 25.32 -10.49
C THR A 407 11.72 25.90 -11.91
N GLY A 408 12.88 25.53 -12.43
CA GLY A 408 13.34 26.02 -13.73
C GLY A 408 13.70 27.51 -13.76
N SER A 409 13.32 28.18 -14.83
CA SER A 409 13.68 29.58 -15.07
C SER A 409 12.55 30.52 -14.72
N GLY A 410 11.40 29.97 -14.32
CA GLY A 410 10.34 30.81 -13.79
C GLY A 410 8.99 30.14 -13.87
N PHE A 411 7.99 30.92 -14.26
CA PHE A 411 6.66 30.40 -14.33
C PHE A 411 5.77 31.29 -15.18
N VAL A 412 4.55 30.81 -15.40
CA VAL A 412 3.61 31.56 -16.18
C VAL A 412 2.65 32.22 -15.20
N ASP A 413 2.54 33.54 -15.32
CA ASP A 413 1.71 34.35 -14.46
C ASP A 413 0.40 34.67 -15.14
N GLN A 414 -0.40 35.52 -14.49
CA GLN A 414 -1.48 36.28 -15.12
C GLN A 414 -2.29 35.40 -16.03
N PHE A 415 -2.67 34.27 -15.48
CA PHE A 415 -3.38 33.28 -16.22
C PHE A 415 -4.80 33.41 -15.69
N ALA A 416 -5.44 34.51 -16.10
CA ALA A 416 -6.62 35.01 -15.42
C ALA A 416 -7.83 35.37 -16.31
N SER A 417 -7.85 34.99 -17.59
CA SER A 417 -8.94 35.46 -18.49
C SER A 417 -9.15 34.61 -19.72
N THR A 418 -10.39 34.68 -20.23
CA THR A 418 -10.81 33.96 -21.44
C THR A 418 -9.77 34.05 -22.58
N GLY A 419 -9.55 32.92 -23.25
CA GLY A 419 -8.53 32.83 -24.29
C GLY A 419 -7.10 32.55 -23.84
N ASP A 420 -6.82 32.59 -22.53
CA ASP A 420 -5.47 32.30 -22.04
C ASP A 420 -5.30 30.78 -22.13
N LYS A 421 -4.11 30.31 -22.49
CA LYS A 421 -3.88 28.88 -22.70
C LYS A 421 -2.45 28.52 -22.46
N VAL A 422 -2.22 27.29 -22.05
CA VAL A 422 -0.87 26.73 -22.02
C VAL A 422 -0.92 25.31 -22.50
N SER A 423 -0.07 25.02 -23.49
CA SER A 423 0.00 23.69 -24.10
C SER A 423 1.36 23.10 -23.82
N PHE A 424 1.37 21.88 -23.32
CA PHE A 424 2.57 21.09 -23.09
C PHE A 424 2.60 19.96 -24.12
N ALA A 425 3.78 19.72 -24.66
CA ALA A 425 4.02 18.63 -25.58
C ALA A 425 4.80 17.59 -24.83
N ILE A 426 4.16 16.46 -24.62
CA ILE A 426 4.70 15.45 -23.74
C ILE A 426 4.82 14.16 -24.50
N ASN A 427 5.75 13.33 -24.05
CA ASN A 427 5.90 11.97 -24.52
C ASN A 427 5.50 10.91 -23.49
N ALA A 428 4.75 9.92 -23.91
CA ALA A 428 4.35 8.86 -23.04
C ALA A 428 5.13 7.59 -23.38
N PRO A 429 6.15 7.25 -22.58
CA PRO A 429 7.04 6.16 -23.04
C PRO A 429 6.37 4.82 -23.25
N GLU A 430 5.24 4.58 -22.61
CA GLU A 430 4.52 3.32 -22.71
C GLU A 430 3.01 3.64 -22.56
N ALA A 431 2.17 2.83 -23.15
CA ALA A 431 0.74 3.09 -23.06
C ALA A 431 0.45 2.91 -21.57
N GLY A 432 -0.61 3.53 -21.06
CA GLY A 432 -0.91 3.40 -19.63
C GLY A 432 -1.52 4.65 -18.99
N ASP A 433 -1.74 4.59 -17.68
CA ASP A 433 -2.29 5.75 -17.00
C ASP A 433 -1.19 6.77 -16.66
N TYR A 434 -1.57 8.03 -16.75
CA TYR A 434 -0.69 9.16 -16.45
C TYR A 434 -1.42 10.15 -15.57
N SER A 435 -0.71 10.63 -14.55
CA SER A 435 -1.20 11.57 -13.59
C SER A 435 -0.67 12.89 -14.02
N LEU A 436 -1.56 13.80 -14.45
CA LEU A 436 -1.11 15.08 -14.91
C LEU A 436 -1.21 16.02 -13.73
N VAL A 437 -0.05 16.46 -13.25
CA VAL A 437 0.05 17.18 -12.01
C VAL A 437 0.68 18.55 -12.26
N PHE A 438 -0.05 19.59 -11.86
CA PHE A 438 0.34 20.94 -12.05
C PHE A 438 0.74 21.58 -10.73
N ARG A 439 1.91 22.19 -10.73
CA ARG A 439 2.37 23.01 -9.66
C ARG A 439 1.99 24.45 -9.96
N TYR A 440 1.47 25.14 -8.95
CA TYR A 440 0.81 26.40 -9.16
C TYR A 440 0.76 27.31 -7.90
N GLY A 441 0.37 28.57 -8.13
CA GLY A 441 0.14 29.54 -7.09
C GLY A 441 -1.25 30.12 -7.24
N ASN A 442 -1.96 30.33 -6.14
CA ASN A 442 -3.28 30.95 -6.17
C ASN A 442 -3.45 31.77 -4.88
N ASN A 443 -3.64 33.09 -5.03
CA ASN A 443 -3.84 33.98 -3.89
C ASN A 443 -4.84 35.03 -4.33
N THR A 444 -6.00 34.53 -4.72
CA THR A 444 -7.07 35.35 -5.24
C THR A 444 -8.14 35.47 -4.19
N GLY A 445 -8.00 34.69 -3.12
CA GLY A 445 -9.00 34.63 -2.09
C GLY A 445 -9.99 33.51 -2.28
N ALA A 446 -10.02 32.89 -3.47
CA ALA A 446 -10.78 31.62 -3.59
C ALA A 446 -10.20 30.59 -4.54
N ASN A 447 -10.90 29.48 -4.58
CA ASN A 447 -10.69 28.51 -5.61
C ASN A 447 -10.63 29.16 -7.01
N SER A 448 -9.74 28.62 -7.86
CA SER A 448 -9.52 29.07 -9.23
C SER A 448 -9.68 27.84 -10.13
N THR A 449 -10.22 28.04 -11.33
CA THR A 449 -10.39 26.89 -12.26
C THR A 449 -9.82 27.10 -13.63
N LEU A 450 -9.40 26.00 -14.24
CA LEU A 450 -9.02 25.96 -15.66
C LEU A 450 -9.56 24.69 -16.29
N ASN A 451 -9.78 24.76 -17.61
CA ASN A 451 -10.21 23.57 -18.34
C ASN A 451 -9.05 22.84 -18.98
N LEU A 452 -9.08 21.52 -18.79
CA LEU A 452 -7.99 20.60 -19.13
C LEU A 452 -8.32 19.84 -20.40
N TYR A 453 -7.48 20.02 -21.40
CA TYR A 453 -7.69 19.39 -22.67
C TYR A 453 -6.50 18.50 -22.96
N VAL A 454 -6.78 17.26 -23.36
CA VAL A 454 -5.74 16.34 -23.79
C VAL A 454 -5.94 16.00 -25.27
N ASP A 455 -4.90 16.28 -26.07
CA ASP A 455 -4.97 16.03 -27.51
C ASP A 455 -6.25 16.69 -28.04
N GLY A 456 -6.42 17.98 -27.75
CA GLY A 456 -7.60 18.73 -28.19
C GLY A 456 -8.97 18.41 -27.58
N ASN A 457 -9.12 17.31 -26.84
CA ASN A 457 -10.39 17.04 -26.14
C ASN A 457 -10.39 17.57 -24.69
N PHE A 458 -11.48 18.25 -24.31
CA PHE A 458 -11.74 18.59 -22.93
C PHE A 458 -11.82 17.31 -22.12
N VAL A 459 -11.29 17.31 -20.90
CA VAL A 459 -11.39 16.11 -20.01
C VAL A 459 -12.04 16.40 -18.64
N GLN A 460 -11.80 17.58 -18.08
CA GLN A 460 -12.28 17.91 -16.76
C GLN A 460 -12.01 19.38 -16.49
N LYS A 461 -12.92 20.03 -15.79
CA LYS A 461 -12.60 21.30 -15.12
C LYS A 461 -11.75 21.03 -13.88
N LEU A 462 -10.78 21.88 -13.62
CA LEU A 462 -9.80 21.58 -12.60
C LEU A 462 -9.75 22.70 -11.64
N TYR A 463 -9.68 22.34 -10.36
CA TYR A 463 -9.67 23.30 -9.23
C TYR A 463 -8.26 23.56 -8.74
N PHE A 464 -7.97 24.83 -8.58
CA PHE A 464 -6.70 25.29 -8.03
C PHE A 464 -6.95 26.03 -6.70
N PHE A 465 -6.46 25.47 -5.59
CA PHE A 465 -6.90 25.93 -4.26
C PHE A 465 -6.26 27.24 -3.86
N ASN A 466 -7.04 28.10 -3.22
CA ASN A 466 -6.48 29.36 -2.71
C ASN A 466 -5.43 29.11 -1.60
N GLN A 467 -4.48 30.02 -1.47
CA GLN A 467 -3.36 29.85 -0.56
C GLN A 467 -2.98 31.15 0.18
N SER A 468 -2.21 30.96 1.26
CA SER A 468 -1.70 32.04 2.14
C SER A 468 -1.05 33.20 1.40
N SER A 469 -0.22 32.89 0.42
CA SER A 469 0.32 33.94 -0.47
C SER A 469 0.69 33.43 -1.89
N TRP A 470 0.97 34.39 -2.76
CA TRP A 470 1.56 34.15 -4.08
C TRP A 470 3.00 33.61 -3.95
N GLY A 471 3.59 33.68 -2.75
CA GLY A 471 4.87 33.05 -2.47
C GLY A 471 4.83 31.52 -2.34
N THR A 472 3.61 30.97 -2.22
CA THR A 472 3.37 29.58 -1.81
C THR A 472 2.92 28.61 -2.95
N TRP A 473 3.75 27.61 -3.27
CA TRP A 473 3.43 26.63 -4.32
C TRP A 473 2.83 25.35 -3.78
N LYS A 474 1.71 24.95 -4.39
CA LYS A 474 1.15 23.62 -4.21
C LYS A 474 1.15 22.78 -5.50
N HIS A 475 0.86 21.50 -5.38
CA HIS A 475 0.83 20.59 -6.53
C HIS A 475 -0.22 19.52 -6.37
N ASP A 476 -1.37 19.93 -5.86
CA ASP A 476 -2.47 19.06 -5.58
C ASP A 476 -3.62 19.32 -6.58
N ALA A 477 -3.31 19.94 -7.72
CA ALA A 477 -4.20 19.91 -8.90
C ALA A 477 -3.69 18.90 -9.93
N TRP A 478 -4.43 17.84 -10.13
CA TRP A 478 -3.98 16.72 -10.94
C TRP A 478 -5.22 16.09 -11.58
N TYR A 479 -5.04 15.33 -12.64
CA TYR A 479 -6.09 14.47 -13.18
C TYR A 479 -5.34 13.35 -13.84
N GLN A 480 -5.93 12.15 -13.83
CA GLN A 480 -5.27 10.94 -14.35
C GLN A 480 -6.00 10.46 -15.60
N VAL A 481 -5.24 10.26 -16.66
CA VAL A 481 -5.83 9.89 -17.94
C VAL A 481 -5.08 8.73 -18.53
N PRO A 482 -5.80 7.88 -19.26
CA PRO A 482 -5.13 6.87 -20.08
C PRO A 482 -4.51 7.49 -21.35
N LEU A 483 -3.39 6.95 -21.76
CA LEU A 483 -2.67 7.46 -22.91
C LEU A 483 -2.01 6.34 -23.67
N THR A 484 -2.04 6.45 -25.00
CA THR A 484 -1.23 5.62 -25.90
C THR A 484 0.25 6.00 -25.80
N GLN A 485 1.13 5.07 -26.21
CA GLN A 485 2.53 5.39 -26.32
C GLN A 485 2.72 6.55 -27.30
N GLY A 486 3.77 7.34 -27.07
CA GLY A 486 4.14 8.42 -27.96
C GLY A 486 3.67 9.79 -27.51
N ALA A 487 3.59 10.69 -28.49
CA ALA A 487 3.48 12.09 -28.23
C ALA A 487 2.04 12.40 -27.93
N HIS A 488 1.87 13.36 -27.02
CA HIS A 488 0.57 13.89 -26.73
C HIS A 488 0.68 15.38 -26.42
N THR A 489 -0.47 16.04 -26.42
CA THR A 489 -0.59 17.45 -26.07
C THR A 489 -1.41 17.54 -24.79
N VAL A 490 -0.92 18.23 -23.76
CA VAL A 490 -1.74 18.48 -22.55
C VAL A 490 -1.92 19.96 -22.41
N GLU A 491 -3.16 20.40 -22.28
CA GLU A 491 -3.48 21.83 -22.42
C GLU A 491 -4.39 22.38 -21.33
N LEU A 492 -4.03 23.52 -20.76
CA LEU A 492 -4.91 24.17 -19.84
C LEU A 492 -5.46 25.38 -20.53
N ARG A 493 -6.77 25.56 -20.44
CA ARG A 493 -7.45 26.70 -21.08
C ARG A 493 -8.38 27.51 -20.16
N TYR A 494 -8.19 28.82 -20.09
CA TYR A 494 -9.11 29.72 -19.38
C TYR A 494 -10.20 30.09 -20.34
N GLU A 495 -11.38 29.55 -20.10
CA GLU A 495 -12.50 29.73 -20.97
C GLU A 495 -13.67 30.45 -20.27
N SER A 496 -14.84 30.40 -20.87
CA SER A 496 -16.06 30.93 -20.30
C SER A 496 -16.48 30.08 -19.11
N GLY A 497 -16.90 30.75 -18.02
CA GLY A 497 -17.26 30.05 -16.76
C GLY A 497 -16.10 29.35 -16.01
N ASN A 498 -14.87 29.81 -16.20
CA ASN A 498 -13.75 29.42 -15.38
C ASN A 498 -13.52 30.64 -14.51
N VAL A 499 -12.98 30.42 -13.31
CA VAL A 499 -12.84 31.52 -12.36
C VAL A 499 -11.40 31.69 -11.84
N GLY A 500 -11.14 32.90 -11.37
CA GLY A 500 -9.96 33.19 -10.60
C GLY A 500 -8.74 33.46 -11.42
N ALA A 501 -7.67 32.79 -11.10
CA ALA A 501 -6.42 33.03 -11.76
C ALA A 501 -5.44 32.12 -11.09
N VAL A 502 -4.26 31.91 -11.71
CA VAL A 502 -3.16 31.10 -11.14
C VAL A 502 -1.82 31.51 -11.76
N ASN A 503 -0.72 31.24 -11.05
CA ASN A 503 0.58 31.15 -11.70
C ASN A 503 0.84 29.65 -11.87
N LEU A 504 1.37 29.27 -13.04
CA LEU A 504 1.60 27.86 -13.31
C LEU A 504 3.06 27.64 -13.37
N ASP A 505 3.56 26.69 -12.57
CA ASP A 505 4.99 26.51 -12.55
C ASP A 505 5.42 25.42 -13.53
N SER A 506 4.64 24.33 -13.59
CA SER A 506 5.07 23.19 -14.34
C SER A 506 3.98 22.16 -14.43
N LEU A 507 4.15 21.19 -15.34
CA LEU A 507 3.37 19.97 -15.39
C LEU A 507 4.28 18.80 -15.11
N THR A 508 3.78 17.80 -14.37
CA THR A 508 4.56 16.63 -13.96
C THR A 508 3.72 15.38 -14.21
N LEU A 509 4.35 14.35 -14.72
CA LEU A 509 3.69 13.07 -14.85
C LEU A 509 3.95 12.36 -13.53
N GLY A 510 2.95 12.41 -12.68
CA GLY A 510 3.11 12.05 -11.29
C GLY A 510 3.44 10.60 -11.32
N THR A 511 4.59 10.25 -10.75
CA THR A 511 5.12 8.89 -10.86
C THR A 511 5.76 8.52 -9.51
N PHE A 512 5.34 7.40 -8.93
CA PHE A 512 6.02 6.84 -7.78
C PHE A 512 7.46 6.47 -8.17
N ASP A 513 8.41 6.93 -7.36
CA ASP A 513 9.83 6.61 -7.52
C ASP A 513 10.12 5.21 -7.02
N GLU A 514 10.27 4.32 -8.00
CA GLU A 514 10.75 2.95 -7.82
C GLU A 514 11.81 2.75 -6.73
N HIS A 515 12.74 3.66 -6.61
CA HIS A 515 13.85 3.42 -5.71
C HIS A 515 13.36 3.48 -4.27
N SER A 516 12.69 4.58 -3.90
CA SER A 516 12.23 4.79 -2.53
C SER A 516 11.26 3.69 -2.13
N VAL A 517 10.35 3.38 -3.03
CA VAL A 517 9.34 2.37 -2.80
C VAL A 517 9.92 0.98 -2.55
N ARG A 518 10.92 0.59 -3.35
CA ARG A 518 11.54 -0.70 -3.13
C ARG A 518 12.20 -0.76 -1.79
N LEU A 519 12.89 0.31 -1.42
CA LEU A 519 13.58 0.34 -0.13
C LEU A 519 12.59 0.32 1.05
N ALA A 520 11.57 1.18 0.96
CA ALA A 520 10.61 1.30 2.03
C ALA A 520 9.97 -0.05 2.33
N ASP A 521 9.56 -0.74 1.27
CA ASP A 521 8.86 -2.03 1.45
C ASP A 521 9.78 -3.17 1.99
N ALA A 522 11.06 -3.16 1.60
CA ALA A 522 12.03 -4.15 2.07
C ALA A 522 12.22 -3.93 3.56
N MET A 523 12.37 -2.67 3.92
CA MET A 523 12.53 -2.33 5.31
C MET A 523 11.32 -2.83 6.04
N MET A 524 10.13 -2.42 5.59
CA MET A 524 8.92 -2.78 6.31
C MET A 524 8.89 -4.26 6.48
N SER A 525 9.15 -4.95 5.39
CA SER A 525 8.94 -6.40 5.49
C SER A 525 10.04 -7.09 6.29
N ALA A 526 11.29 -6.72 6.11
CA ALA A 526 12.34 -7.26 6.98
C ALA A 526 12.00 -6.99 8.45
N SER A 527 11.46 -5.81 8.72
CA SER A 527 11.10 -5.46 10.06
C SER A 527 9.95 -6.31 10.59
N GLY A 528 9.11 -6.86 9.70
CA GLY A 528 8.01 -7.70 10.13
C GLY A 528 6.64 -7.08 9.90
N ALA A 529 6.47 -6.37 8.79
CA ALA A 529 5.16 -5.77 8.51
C ALA A 529 4.84 -5.76 7.05
N THR A 530 3.56 -5.54 6.79
CA THR A 530 3.12 -5.27 5.43
C THR A 530 2.59 -3.87 5.31
N HIS A 531 2.48 -3.47 4.06
CA HIS A 531 2.22 -2.11 3.66
C HIS A 531 0.98 -2.08 2.78
N ILE A 532 -0.07 -1.39 3.20
CA ILE A 532 -1.21 -1.24 2.29
C ILE A 532 -0.91 -0.15 1.26
N GLU A 533 -0.70 -0.55 0.01
CA GLU A 533 -0.32 0.42 -1.02
C GLU A 533 -0.88 0.12 -2.43
N LEU A 534 -1.74 -0.88 -2.58
CA LEU A 534 -2.23 -1.22 -3.91
C LEU A 534 -3.73 -1.40 -3.88
N GLY A 535 -4.40 -0.93 -4.94
CA GLY A 535 -5.85 -1.06 -4.95
C GLY A 535 -6.46 -0.69 -6.28
N ASP A 536 -7.80 -0.67 -6.27
CA ASP A 536 -8.58 -0.46 -7.47
C ASP A 536 -7.89 -1.19 -8.66
N ASP A 537 -7.69 -0.51 -9.79
CA ASP A 537 -7.29 -1.13 -11.06
C ASP A 537 -5.80 -0.95 -11.18
N ASN A 538 -5.08 -1.69 -10.35
CA ASN A 538 -3.63 -1.57 -10.27
C ASN A 538 -3.10 -0.12 -10.02
N GLN A 539 -3.78 0.62 -9.15
CA GLN A 539 -3.28 1.88 -8.63
C GLN A 539 -2.44 1.65 -7.39
N MET A 540 -1.54 2.60 -7.15
CA MET A 540 -0.75 2.64 -5.92
C MET A 540 -1.17 3.85 -5.08
N LEU A 541 -1.22 3.65 -3.77
CA LEU A 541 -1.84 4.61 -2.84
C LEU A 541 -1.00 5.85 -2.53
N PRO A 542 -1.41 7.01 -3.04
CA PRO A 542 -0.56 8.17 -2.89
C PRO A 542 -0.91 9.08 -1.68
N HIS A 543 -2.06 8.84 -1.05
CA HIS A 543 -2.61 9.84 -0.15
C HIS A 543 -3.62 9.12 0.73
N GLU A 544 -3.95 9.70 1.88
CA GLU A 544 -4.98 9.13 2.78
C GLU A 544 -6.43 9.08 2.17
N TYR A 545 -6.73 9.96 1.22
CA TYR A 545 -7.96 9.90 0.42
C TYR A 545 -7.64 8.97 -0.77
N TYR A 546 -7.99 7.71 -0.58
CA TYR A 546 -7.65 6.62 -1.47
C TYR A 546 -8.12 6.83 -2.95
N PRO A 547 -9.20 7.60 -3.19
CA PRO A 547 -9.54 7.85 -4.63
C PRO A 547 -8.54 8.72 -5.38
N ASN A 548 -7.57 9.27 -4.66
CA ASN A 548 -6.55 10.15 -5.19
C ASN A 548 -5.61 9.41 -6.13
N ARG A 549 -5.40 9.92 -7.35
CA ARG A 549 -4.49 9.27 -8.29
C ARG A 549 -3.49 10.27 -8.82
N SER A 550 -2.96 11.10 -7.93
CA SER A 550 -1.90 12.07 -8.26
C SER A 550 -0.51 11.44 -8.54
N LYS A 551 -0.39 10.11 -8.41
CA LYS A 551 0.81 9.39 -8.83
C LYS A 551 0.43 8.04 -9.40
N THR A 552 1.29 7.53 -10.27
CA THR A 552 1.00 6.31 -10.98
C THR A 552 2.24 5.45 -10.97
N MET A 553 2.10 4.15 -10.92
CA MET A 553 3.27 3.32 -11.06
C MET A 553 3.48 3.09 -12.54
N ARG A 554 4.71 3.30 -12.99
CA ARG A 554 5.14 2.83 -14.32
C ARG A 554 5.45 1.33 -14.25
N SER A 555 5.56 0.70 -15.44
CA SER A 555 5.65 -0.78 -15.55
C SER A 555 6.90 -1.35 -14.85
N SER A 556 7.97 -0.57 -14.87
CA SER A 556 9.18 -0.95 -14.16
C SER A 556 8.91 -1.15 -12.68
N LEU A 557 8.07 -0.29 -12.09
CA LEU A 557 7.74 -0.41 -10.67
C LEU A 557 6.67 -1.47 -10.43
N LYS A 558 5.74 -1.62 -11.38
CA LYS A 558 4.78 -2.71 -11.26
C LYS A 558 5.50 -4.06 -11.15
N ASN A 559 6.48 -4.32 -12.01
CA ASN A 559 7.22 -5.60 -11.97
C ASN A 559 7.97 -5.84 -10.66
N ALA A 560 8.69 -4.85 -10.18
CA ALA A 560 9.32 -4.94 -8.89
C ALA A 560 8.31 -5.23 -7.79
N MET A 561 7.10 -4.68 -7.93
CA MET A 561 6.07 -4.98 -6.95
C MET A 561 5.60 -6.42 -7.02
N LYS A 562 5.47 -6.95 -8.24
CA LYS A 562 5.04 -8.34 -8.39
C LYS A 562 6.12 -9.19 -7.70
N ASP A 563 7.38 -8.88 -8.03
CA ASP A 563 8.49 -9.54 -7.33
C ASP A 563 8.42 -9.38 -5.80
N HIS A 564 8.12 -8.15 -5.33
CA HIS A 564 8.12 -7.92 -3.90
C HIS A 564 7.05 -8.74 -3.23
N TYR A 565 5.86 -8.78 -3.84
CA TYR A 565 4.73 -9.48 -3.21
C TYR A 565 4.83 -11.01 -3.39
N ASN A 566 5.51 -11.44 -4.45
CA ASN A 566 5.88 -12.88 -4.60
C ASN A 566 6.79 -13.19 -3.45
N PHE A 567 7.83 -12.38 -3.34
CA PHE A 567 8.79 -12.57 -2.26
C PHE A 567 8.15 -12.65 -0.85
N ILE A 568 7.40 -11.66 -0.43
CA ILE A 568 6.91 -11.69 0.96
C ILE A 568 5.84 -12.72 1.20
N THR A 569 5.35 -13.32 0.12
CA THR A 569 4.40 -14.42 0.24
C THR A 569 5.15 -15.78 0.41
N ALA A 570 6.13 -16.08 -0.45
CA ALA A 570 6.94 -17.35 -0.35
C ALA A 570 7.69 -17.43 0.96
N TYR A 571 8.22 -16.32 1.41
CA TYR A 571 9.00 -16.29 2.62
C TYR A 571 8.27 -15.77 3.86
N GLU A 572 6.95 -15.82 3.84
CA GLU A 572 6.15 -15.25 4.96
C GLU A 572 6.43 -15.88 6.32
N ASN A 573 6.78 -17.16 6.32
CA ASN A 573 7.16 -17.85 7.56
C ASN A 573 8.45 -17.25 8.07
N LEU A 574 9.40 -16.96 7.19
CA LEU A 574 10.63 -16.28 7.65
C LEU A 574 10.46 -14.80 7.94
N LEU A 575 9.45 -14.16 7.38
CA LEU A 575 9.32 -12.71 7.55
C LEU A 575 8.39 -12.40 8.65
N PHE A 576 7.34 -13.20 8.80
CA PHE A 576 6.19 -12.76 9.58
C PHE A 576 5.77 -13.67 10.70
N ASP A 577 6.40 -14.82 10.83
CA ASP A 577 5.78 -15.85 11.61
C ASP A 577 5.74 -15.52 13.12
N SER A 578 4.87 -16.22 13.83
CA SER A 578 4.68 -16.03 15.25
C SER A 578 5.96 -16.04 16.10
N ASP A 579 7.00 -16.78 15.65
CA ASP A 579 8.28 -16.98 16.41
C ASP A 579 9.51 -16.32 15.75
N VAL A 580 9.27 -15.35 14.86
CA VAL A 580 10.33 -14.60 14.20
C VAL A 580 10.64 -13.39 15.07
N VAL A 581 11.87 -13.30 15.60
CA VAL A 581 12.20 -12.24 16.57
C VAL A 581 13.55 -11.59 16.31
N PRO A 582 13.69 -10.31 16.70
CA PRO A 582 14.98 -9.64 16.50
C PRO A 582 16.09 -10.30 17.27
N ASN A 583 17.32 -10.06 16.85
CA ASN A 583 18.50 -10.37 17.65
C ASN A 583 19.16 -9.12 18.27
N ASP A 584 18.39 -8.04 18.41
CA ASP A 584 18.89 -6.78 19.00
C ASP A 584 19.64 -7.04 20.31
N THR A 585 19.07 -7.89 21.16
CA THR A 585 19.71 -8.30 22.44
C THR A 585 20.91 -9.22 22.19
N GLY A 586 21.90 -9.15 23.08
CA GLY A 586 23.26 -9.59 22.78
C GLY A 586 23.95 -8.41 22.12
N SER A 587 25.09 -8.65 21.47
CA SER A 587 25.81 -7.61 20.73
C SER A 587 26.49 -8.18 19.48
N GLN A 588 25.68 -8.45 18.46
CA GLN A 588 26.11 -9.07 17.17
C GLN A 588 26.81 -8.11 16.21
N PHE A 589 27.33 -8.62 15.09
CA PHE A 589 28.08 -7.80 14.15
C PHE A 589 28.24 -8.45 12.77
N VAL A 590 28.50 -7.61 11.78
CA VAL A 590 28.57 -8.01 10.38
C VAL A 590 29.60 -7.14 9.67
N ASN A 591 30.47 -7.76 8.87
CA ASN A 591 31.50 -7.01 8.18
C ASN A 591 31.39 -7.14 6.67
N LEU A 592 31.48 -6.03 5.99
CA LEU A 592 31.44 -6.04 4.55
C LEU A 592 32.67 -5.36 4.06
N THR A 593 33.48 -6.09 3.29
CA THR A 593 34.70 -5.53 2.75
C THR A 593 34.40 -4.59 1.59
N GLY A 594 34.88 -3.36 1.68
CA GLY A 594 34.80 -2.41 0.58
C GLY A 594 33.76 -1.35 0.82
N VAL A 595 32.70 -1.72 1.56
CA VAL A 595 31.52 -0.87 1.81
C VAL A 595 31.27 -0.69 3.31
N SER A 596 30.86 0.52 3.69
CA SER A 596 30.39 0.80 5.02
C SER A 596 29.15 -0.07 5.38
N ALA A 597 29.01 -0.39 6.66
CA ALA A 597 27.79 -1.03 7.12
C ALA A 597 27.22 -0.32 8.36
N SER A 598 25.95 -0.59 8.69
CA SER A 598 25.35 -0.10 9.97
C SER A 598 24.19 -0.97 10.39
N GLY A 599 23.96 -1.06 11.69
CA GLY A 599 22.80 -1.79 12.21
C GLY A 599 21.60 -0.89 12.45
N ASP A 600 21.72 0.42 12.18
CA ASP A 600 20.68 1.42 12.54
C ASP A 600 20.21 2.26 11.32
N GLY A 601 20.25 1.63 10.15
CA GLY A 601 19.90 2.30 8.93
C GLY A 601 20.47 3.68 8.76
N SER A 602 21.79 3.76 8.89
CA SER A 602 22.47 5.04 8.64
C SER A 602 22.61 5.33 7.15
N ALA A 603 22.53 6.63 6.83
CA ALA A 603 22.70 7.10 5.46
C ALA A 603 23.88 6.44 4.70
N ASN A 604 23.75 6.31 3.39
CA ASN A 604 24.87 5.98 2.51
C ASN A 604 25.64 4.75 2.99
N THR A 605 24.90 3.71 3.39
CA THR A 605 25.51 2.46 3.88
C THR A 605 24.73 1.27 3.39
N VAL A 606 25.14 0.09 3.83
CA VAL A 606 24.35 -1.13 3.79
C VAL A 606 23.89 -1.43 5.20
N TRP A 607 22.69 -2.01 5.32
CA TRP A 607 22.05 -2.13 6.61
C TRP A 607 21.72 -3.57 6.94
N TYR A 608 22.29 -4.06 8.02
CA TYR A 608 21.94 -5.38 8.50
C TYR A 608 20.89 -5.27 9.59
N ILE A 609 19.93 -6.17 9.50
CA ILE A 609 18.98 -6.36 10.55
C ILE A 609 19.01 -7.85 10.79
N ASN A 610 19.19 -8.20 12.05
CA ASN A 610 19.42 -9.57 12.40
C ASN A 610 18.22 -10.06 13.14
N LYS A 611 17.69 -11.18 12.68
CA LYS A 611 16.49 -11.73 13.30
C LYS A 611 16.71 -13.22 13.39
N ARG A 612 15.82 -13.91 14.14
CA ARG A 612 15.85 -15.38 14.26
C ARG A 612 14.48 -16.08 14.48
N THR A 613 14.40 -17.32 14.00
CA THR A 613 13.46 -18.33 14.51
C THR A 613 14.33 -19.38 15.18
N SER A 614 13.74 -20.42 15.76
CA SER A 614 14.53 -21.54 16.32
C SER A 614 15.27 -22.37 15.24
N ASP A 615 14.74 -22.40 14.03
CA ASP A 615 15.38 -23.09 12.91
C ASP A 615 16.43 -22.29 12.11
N TYR A 616 16.39 -20.95 12.10
CA TYR A 616 17.28 -20.15 11.19
C TYR A 616 17.84 -18.90 11.80
N ASN A 617 19.09 -18.58 11.44
CA ASN A 617 19.65 -17.25 11.71
C ASN A 617 19.48 -16.42 10.44
N ILE A 618 18.90 -15.22 10.59
CA ILE A 618 18.43 -14.41 9.44
C ILE A 618 19.06 -13.05 9.48
N VAL A 619 19.65 -12.66 8.36
CA VAL A 619 20.12 -11.31 8.24
C VAL A 619 19.61 -10.70 6.95
N HIS A 620 19.00 -9.53 7.07
CA HIS A 620 18.55 -8.82 5.91
C HIS A 620 19.60 -7.76 5.66
N LEU A 621 20.01 -7.62 4.40
CA LEU A 621 20.81 -6.46 3.97
C LEU A 621 19.95 -5.58 3.09
N ILE A 622 20.01 -4.28 3.37
CA ILE A 622 19.22 -3.32 2.67
C ILE A 622 20.16 -2.22 2.26
N ASN A 623 20.19 -1.95 0.97
CA ASN A 623 21.23 -1.16 0.40
C ASN A 623 20.88 0.31 0.37
N LEU A 624 21.24 0.97 1.46
CA LEU A 624 21.15 2.42 1.53
C LEU A 624 22.37 3.16 1.00
N LEU A 625 23.20 2.52 0.17
CA LEU A 625 24.37 3.26 -0.41
C LEU A 625 23.90 4.30 -1.42
N GLY A 626 24.29 5.54 -1.19
CA GLY A 626 23.90 6.65 -2.03
C GLY A 626 22.57 7.27 -1.64
N ASN A 627 22.04 6.94 -0.46
CA ASN A 627 20.72 7.48 -0.06
C ASN A 627 20.63 7.78 1.41
N ASP A 628 19.72 8.71 1.78
CA ASP A 628 19.58 9.22 3.17
C ASP A 628 18.92 8.20 4.08
N ASN A 629 18.52 8.62 5.26
CA ASN A 629 17.91 7.63 6.16
C ASN A 629 16.39 7.78 6.25
N GLN A 630 15.81 8.65 5.39
CA GLN A 630 14.35 8.86 5.35
C GLN A 630 13.66 7.89 4.39
N TRP A 631 12.66 7.15 4.91
CA TRP A 631 11.95 6.10 4.15
C TRP A 631 10.99 6.61 3.05
N ARG A 632 10.30 7.71 3.33
CA ARG A 632 9.19 8.22 2.50
C ARG A 632 9.57 9.02 1.23
N ASN A 633 10.57 9.89 1.35
CA ASN A 633 10.99 10.76 0.24
C ASN A 633 11.59 9.99 -0.94
N THR A 634 11.66 10.61 -2.11
CA THR A 634 12.19 9.90 -3.30
C THR A 634 13.67 9.65 -3.06
N ALA A 635 14.23 8.75 -3.85
CA ALA A 635 15.59 8.38 -3.67
C ALA A 635 16.24 8.15 -5.00
N SER A 636 17.57 8.08 -4.96
CA SER A 636 18.40 7.73 -6.09
C SER A 636 18.55 6.22 -6.11
N GLN A 637 18.94 5.73 -7.29
CA GLN A 637 19.20 4.33 -7.46
C GLN A 637 20.41 4.00 -6.61
N PRO A 638 20.30 3.01 -5.71
CA PRO A 638 21.49 2.78 -4.92
C PRO A 638 22.59 2.09 -5.73
N SER A 639 23.81 2.17 -5.19
CA SER A 639 24.98 1.60 -5.83
C SER A 639 24.90 0.11 -5.71
N PHE A 640 24.62 -0.54 -6.83
CA PHE A 640 24.54 -1.98 -6.82
C PHE A 640 25.96 -2.48 -6.72
N GLN A 641 26.09 -3.61 -6.04
CA GLN A 641 27.37 -4.21 -5.71
C GLN A 641 27.41 -5.64 -6.26
N THR A 642 28.61 -6.08 -6.65
CA THR A 642 28.81 -7.44 -7.19
C THR A 642 29.87 -8.13 -6.36
N ASN A 643 29.76 -9.45 -6.23
CA ASN A 643 30.78 -10.27 -5.55
C ASN A 643 31.35 -9.54 -4.35
N LEU A 644 30.52 -9.45 -3.32
CA LEU A 644 30.83 -8.65 -2.14
C LEU A 644 31.07 -9.61 -0.99
N PRO A 645 32.19 -9.42 -0.27
CA PRO A 645 32.46 -10.33 0.83
C PRO A 645 31.79 -9.92 2.13
N ALA A 646 31.23 -10.89 2.84
CA ALA A 646 30.69 -10.65 4.16
C ALA A 646 31.19 -11.66 5.19
N LYS A 647 31.25 -11.22 6.46
CA LYS A 647 31.35 -12.12 7.62
C LYS A 647 30.38 -11.72 8.73
N ILE A 648 29.61 -12.72 9.16
CA ILE A 648 28.59 -12.58 10.17
C ILE A 648 29.08 -13.27 11.44
N TYR A 649 29.29 -12.48 12.49
CA TYR A 649 29.59 -13.04 13.80
C TYR A 649 28.29 -13.51 14.40
N ILE A 650 28.37 -14.53 15.25
CA ILE A 650 27.18 -15.22 15.76
C ILE A 650 27.21 -15.34 17.30
N GLY A 651 27.12 -16.54 17.85
CA GLY A 651 27.46 -16.76 19.27
C GLY A 651 28.29 -18.03 19.36
N ALA A 652 28.95 -18.27 20.50
CA ALA A 652 29.57 -19.60 20.74
C ALA A 652 28.45 -20.70 20.64
N ASP A 653 27.27 -20.36 21.15
CA ASP A 653 25.97 -21.01 20.88
C ASP A 653 25.77 -21.78 19.53
N GLU A 654 25.82 -21.07 18.39
CA GLU A 654 25.22 -21.56 17.11
C GLU A 654 26.12 -22.40 16.20
N THR A 655 25.56 -23.48 15.64
CA THR A 655 26.21 -24.20 14.53
C THR A 655 25.33 -24.21 13.26
N ILE A 656 25.95 -23.81 12.15
CA ILE A 656 25.26 -23.49 10.90
C ILE A 656 25.54 -24.49 9.79
N SER A 657 24.54 -25.33 9.52
CA SER A 657 24.54 -26.33 8.44
C SER A 657 24.70 -25.72 7.02
N ASP A 658 23.69 -24.98 6.55
CA ASP A 658 23.79 -24.31 5.23
C ASP A 658 23.54 -22.82 5.31
N VAL A 659 23.97 -22.09 4.28
CA VAL A 659 23.67 -20.65 4.15
C VAL A 659 22.81 -20.42 2.91
N TYR A 660 21.73 -19.64 3.06
CA TYR A 660 20.83 -19.28 1.95
C TYR A 660 20.57 -17.81 1.85
N LEU A 661 20.44 -17.36 0.61
CA LEU A 661 20.08 -16.00 0.29
C LEU A 661 19.05 -15.94 -0.83
N ALA A 662 17.94 -15.24 -0.60
CA ALA A 662 16.95 -14.94 -1.63
C ALA A 662 16.73 -13.44 -1.66
N SER A 663 16.39 -12.94 -2.84
CA SER A 663 16.09 -11.53 -3.00
C SER A 663 15.10 -11.29 -4.11
N PRO A 664 14.05 -10.50 -3.81
CA PRO A 664 13.15 -10.05 -4.89
C PRO A 664 13.90 -9.52 -6.09
N ASP A 665 15.05 -8.89 -5.84
CA ASP A 665 15.91 -8.31 -6.89
C ASP A 665 16.56 -9.32 -7.83
N LEU A 666 16.64 -10.60 -7.43
CA LEU A 666 17.38 -11.64 -8.19
C LEU A 666 16.56 -12.89 -8.53
N SER A 667 16.42 -13.14 -9.83
CA SER A 667 15.69 -14.30 -10.36
C SER A 667 14.35 -14.41 -9.72
N GLY A 668 13.67 -13.27 -9.59
CA GLY A 668 12.34 -13.25 -8.94
C GLY A 668 12.28 -13.76 -7.50
N GLY A 669 13.41 -13.76 -6.77
CA GLY A 669 13.44 -14.14 -5.36
C GLY A 669 13.66 -15.63 -5.07
N GLU A 670 14.21 -16.34 -6.07
CA GLU A 670 14.58 -17.76 -5.88
C GLU A 670 15.74 -17.80 -4.92
N THR A 671 15.78 -18.87 -4.12
CA THR A 671 16.83 -19.09 -3.10
C THR A 671 18.14 -19.66 -3.70
N GLN A 672 19.28 -19.02 -3.45
CA GLN A 672 20.60 -19.61 -3.75
C GLN A 672 21.28 -20.10 -2.46
N GLU A 673 21.81 -21.33 -2.49
CA GLU A 673 22.73 -21.87 -1.48
C GLU A 673 24.06 -21.17 -1.77
N LEU A 674 24.77 -20.76 -0.72
CA LEU A 674 26.14 -20.21 -0.87
C LEU A 674 27.24 -21.03 -0.20
N ALA A 675 28.43 -21.08 -0.82
CA ALA A 675 29.59 -21.73 -0.21
C ALA A 675 30.14 -20.79 0.88
N PHE A 676 30.67 -21.38 1.96
CA PHE A 676 31.10 -20.62 3.16
C PHE A 676 32.01 -21.42 4.10
N THR A 677 32.72 -20.71 4.95
CA THR A 677 33.65 -21.31 5.92
C THR A 677 33.37 -20.83 7.34
N SER A 678 33.89 -21.56 8.33
CA SER A 678 33.49 -21.39 9.72
C SER A 678 34.60 -20.74 10.54
N GLY A 679 34.85 -21.24 11.75
CA GLY A 679 36.07 -20.89 12.51
C GLY A 679 35.88 -19.82 13.57
N THR A 680 36.99 -19.19 13.96
CA THR A 680 36.99 -18.24 15.08
C THR A 680 37.99 -17.11 14.94
N ASP A 681 37.59 -15.90 15.36
CA ASP A 681 38.44 -14.70 15.38
C ASP A 681 38.56 -14.18 16.82
N ALA A 682 39.26 -13.06 16.96
CA ALA A 682 39.33 -12.31 18.22
C ALA A 682 37.94 -11.82 18.62
N GLY A 683 37.21 -11.27 17.64
CA GLY A 683 35.83 -10.79 17.82
C GLY A 683 34.81 -11.87 18.19
N GLY A 684 35.10 -13.13 17.88
CA GLY A 684 34.24 -14.25 18.29
C GLY A 684 34.00 -15.25 17.17
N LYS A 685 33.00 -16.11 17.37
CA LYS A 685 32.56 -17.06 16.33
C LYS A 685 32.11 -16.32 15.07
N TYR A 686 32.41 -16.87 13.89
CA TYR A 686 32.11 -16.17 12.63
C TYR A 686 31.90 -17.12 11.46
N VAL A 687 31.21 -16.62 10.44
CA VAL A 687 31.03 -17.36 9.20
C VAL A 687 31.25 -16.36 8.03
N SER A 688 31.61 -16.86 6.85
CA SER A 688 31.99 -15.95 5.75
C SER A 688 31.66 -16.43 4.32
N PHE A 689 31.35 -15.46 3.46
CA PHE A 689 30.96 -15.74 2.08
C PHE A 689 30.95 -14.50 1.18
N THR A 690 30.95 -14.74 -0.13
CA THR A 690 30.74 -13.66 -1.10
C THR A 690 29.23 -13.47 -1.45
N VAL A 691 28.70 -12.30 -1.17
CA VAL A 691 27.36 -11.99 -1.64
C VAL A 691 27.46 -11.65 -3.14
N PRO A 692 26.94 -12.52 -4.02
CA PRO A 692 27.07 -12.31 -5.46
C PRO A 692 26.51 -10.95 -5.93
N GLU A 693 25.36 -10.56 -5.40
CA GLU A 693 24.69 -9.36 -5.85
C GLU A 693 23.77 -8.80 -4.79
N LEU A 694 24.00 -7.54 -4.45
CA LEU A 694 23.08 -6.77 -3.64
C LEU A 694 22.58 -5.61 -4.48
N LYS A 695 21.25 -5.50 -4.60
CA LYS A 695 20.68 -4.35 -5.29
C LYS A 695 19.92 -3.47 -4.33
N TYR A 696 18.77 -3.91 -3.84
CA TYR A 696 18.04 -3.19 -2.78
C TYR A 696 17.96 -3.97 -1.47
N TRP A 697 17.76 -5.28 -1.59
CA TRP A 697 17.41 -6.10 -0.47
C TRP A 697 17.76 -7.52 -0.70
N ASN A 698 18.63 -8.03 0.18
CA ASN A 698 18.91 -9.46 0.29
C ASN A 698 18.50 -9.96 1.68
N MET A 699 17.95 -11.15 1.72
CA MET A 699 17.65 -11.80 2.93
C MET A 699 18.48 -13.07 2.96
N ILE A 700 19.26 -13.17 4.04
CA ILE A 700 20.16 -14.25 4.29
C ILE A 700 19.54 -15.08 5.38
N TYR A 701 19.21 -16.30 5.04
CA TYR A 701 18.77 -17.24 6.05
C TYR A 701 19.70 -18.45 6.08
N MET A 702 20.15 -18.76 7.31
CA MET A 702 21.23 -19.73 7.59
C MET A 702 20.70 -20.80 8.53
N LEU A 703 20.62 -22.04 8.03
CA LEU A 703 19.97 -23.13 8.77
C LEU A 703 20.80 -23.56 9.97
N GLU A 704 20.18 -23.58 11.14
CA GLU A 704 20.85 -23.86 12.40
C GLU A 704 20.47 -25.25 12.89
N HIS A 705 21.42 -26.17 12.82
CA HIS A 705 21.26 -27.53 13.35
C HIS A 705 22.62 -28.12 13.74
C2 BGC B . -7.78 7.05 7.30
C3 BGC B . -7.67 7.83 6.01
C4 BGC B . -8.81 8.83 5.84
C5 BGC B . -8.95 9.61 7.15
C6 BGC B . -9.99 10.76 7.16
C1 BGC B . -8.06 7.94 8.48
O1 BGC B . -8.28 7.12 9.64
O2 BGC B . -6.55 6.40 7.52
O3 BGC B . -7.61 6.93 4.88
O4 BGC B . -8.46 9.74 4.78
O5 BGC B . -9.22 8.66 8.16
O6 BGC B . -11.25 10.22 6.86
C1 GLC B . -12.34 11.15 6.83
C2 GLC B . -13.58 10.29 6.52
C3 GLC B . -13.42 9.66 5.14
C4 GLC B . -13.02 10.70 4.09
C5 GLC B . -11.79 11.54 4.59
C6 GLC B . -11.45 12.73 3.71
O2 GLC B . -13.75 9.25 7.49
O3 GLC B . -14.64 9.09 4.80
O4 GLC B . -12.77 10.04 2.88
O5 GLC B . -12.13 12.13 5.82
O6 GLC B . -10.39 13.51 4.27
C1 GLC B . -9.12 13.32 3.59
C2 GLC B . -8.07 14.23 4.20
C3 GLC B . -8.43 15.67 3.94
C4 GLC B . -8.63 15.92 2.45
C5 GLC B . -9.56 14.87 1.80
C6 GLC B . -9.76 15.05 0.29
O2 GLC B . -7.93 14.03 5.59
O3 GLC B . -7.25 16.33 4.31
O4 GLC B . -9.25 17.16 2.28
O5 GLC B . -9.10 13.56 2.18
O6 GLC B . -8.50 15.20 -0.39
C1 GLC B . -8.69 15.66 -1.75
C2 GLC B . -7.36 15.49 -2.49
C3 GLC B . -6.29 16.41 -1.85
C4 GLC B . -6.79 17.86 -1.66
C5 GLC B . -8.27 18.00 -1.17
C6 GLC B . -8.91 19.42 -1.29
O2 GLC B . -7.01 14.12 -2.53
O3 GLC B . -5.07 16.41 -2.57
O4 GLC B . -5.83 18.55 -0.86
O5 GLC B . -9.10 17.04 -1.85
O6 GLC B . -10.03 19.74 -0.45
C1 GLC C . 0.93 44.01 -10.32
C2 GLC C . 0.15 43.68 -11.59
C3 GLC C . -1.34 43.96 -11.35
C4 GLC C . -1.87 43.15 -10.15
C5 GLC C . -0.88 42.98 -8.98
C6 GLC C . -1.07 41.62 -8.30
O1 GLC C . 0.73 45.37 -9.96
O2 GLC C . 0.66 44.42 -12.70
O3 GLC C . -2.04 43.67 -12.53
O4 GLC C . -3.04 43.77 -9.62
O5 GLC C . 0.51 43.13 -9.29
O6 GLC C . -0.72 40.54 -9.16
C1 GLC C . -0.90 39.25 -8.52
C2 GLC C . 0.37 38.37 -8.59
C3 GLC C . 0.57 37.62 -9.91
C4 GLC C . -0.73 36.89 -10.31
C5 GLC C . -1.83 37.93 -10.34
C6 GLC C . -3.16 37.40 -10.85
O2 GLC C . 1.53 39.10 -8.25
O3 GLC C . 1.65 36.71 -9.81
O4 GLC C . -0.64 36.26 -11.56
O5 GLC C . -2.00 38.52 -9.05
O6 GLC C . -3.91 38.58 -11.00
C1 GLC C . -5.30 38.34 -11.35
C2 GLC C . -5.70 39.49 -12.27
C3 GLC C . -5.90 40.82 -11.51
C4 GLC C . -6.73 40.60 -10.25
C5 GLC C . -6.09 39.44 -9.44
C6 GLC C . -6.76 39.20 -8.09
O2 GLC C . -4.68 39.68 -13.20
O3 GLC C . -6.52 41.81 -12.32
O4 GLC C . -6.81 41.82 -9.54
O5 GLC C . -6.16 38.26 -10.23
O6 GLC C . -7.95 39.96 -8.07
C1 GLC C . -8.76 39.71 -6.92
C2 GLC C . -9.91 38.84 -7.38
C3 GLC C . -10.96 39.63 -8.17
C4 GLC C . -11.21 41.05 -7.65
C5 GLC C . -9.95 41.77 -7.14
C6 GLC C . -10.32 43.04 -6.38
O2 GLC C . -9.39 37.82 -8.21
O3 GLC C . -12.18 38.92 -8.13
O4 GLC C . -11.69 41.81 -8.73
O5 GLC C . -9.21 40.91 -6.30
O6 GLC C . -10.91 42.69 -5.14
CA CA D . 8.86 26.55 -13.63
NA NA E . 15.36 8.22 1.18
S SO4 F . -12.27 -19.54 3.07
O1 SO4 F . -12.65 -18.93 4.37
O2 SO4 F . -10.89 -20.10 3.24
O3 SO4 F . -13.29 -20.57 2.79
O4 SO4 F . -12.22 -18.68 1.85
S SO4 G . 1.49 -33.30 3.41
O1 SO4 G . 0.33 -32.85 2.59
O2 SO4 G . 2.81 -32.80 2.90
O3 SO4 G . 1.32 -32.88 4.82
O4 SO4 G . 1.42 -34.79 3.33
S SO4 H . -23.25 -6.12 -15.71
O1 SO4 H . -23.42 -5.19 -16.86
O2 SO4 H . -21.83 -6.59 -15.74
O3 SO4 H . -23.58 -5.49 -14.39
O4 SO4 H . -24.09 -7.33 -15.85
S SO4 I . -22.02 -16.75 5.88
O1 SO4 I . -21.88 -15.28 5.96
O2 SO4 I . -20.83 -17.33 6.56
O3 SO4 I . -23.36 -17.00 6.52
O4 SO4 I . -22.08 -17.18 4.44
S SO4 J . 5.84 21.83 -3.16
O1 SO4 J . 4.47 22.20 -3.68
O2 SO4 J . 6.50 23.10 -2.73
O3 SO4 J . 5.72 20.96 -1.98
O4 SO4 J . 6.71 21.03 -4.10
S SO4 K . -1.41 -2.97 -16.04
O1 SO4 K . -0.97 -1.90 -15.11
O2 SO4 K . -0.33 -3.98 -16.20
O3 SO4 K . -2.63 -3.58 -15.48
O4 SO4 K . -1.77 -2.35 -17.33
S SO4 L . -27.97 12.95 -0.14
O1 SO4 L . -27.72 14.04 -1.12
O2 SO4 L . -27.01 13.12 0.97
O3 SO4 L . -29.38 13.01 0.38
O4 SO4 L . -27.66 11.63 -0.80
S SO4 M . -13.19 36.06 -11.69
O1 SO4 M . -13.43 37.35 -12.41
O2 SO4 M . -12.27 36.37 -10.56
O3 SO4 M . -14.47 35.49 -11.20
O4 SO4 M . -12.55 35.08 -12.58
O1 MES N . 6.73 -10.72 -11.42
C2 MES N . 7.35 -10.04 -12.55
C3 MES N . 8.86 -10.19 -12.74
N4 MES N . 9.38 -11.46 -12.20
C5 MES N . 8.27 -12.45 -12.23
C6 MES N . 7.21 -12.04 -11.20
C7 MES N . 10.55 -11.99 -12.94
C8 MES N . 11.24 -13.08 -12.10
S MES N . 12.17 -14.23 -12.89
O1S MES N . 13.44 -13.51 -13.16
O2S MES N . 11.48 -14.78 -14.12
O3S MES N . 12.49 -15.32 -11.94
#